data_1J0T
#
_entry.id   1J0T
#
_entity_poly.entity_id   1
_entity_poly.type   'polypeptide(L)'
_entity_poly.pdbx_seq_one_letter_code
;ASFIDNTCRGVMGNRDIYKKVVRVCEDCTNIFRLPGLDGMCRNRCFYNEWFLICLKAANREDEIEKFRVWISILNAGQ
;
_entity_poly.pdbx_strand_id   A
#
# COMPACT_ATOMS: atom_id res chain seq x y z
N ALA A 1 0.05 -3.65 -5.62
CA ALA A 1 -0.63 -3.09 -4.48
C ALA A 1 -0.39 -3.94 -3.25
N SER A 2 -0.58 -3.35 -2.06
CA SER A 2 -0.39 -4.07 -0.81
C SER A 2 -1.33 -5.26 -0.75
N PHE A 3 -0.76 -6.47 -0.72
CA PHE A 3 -1.55 -7.68 -0.66
C PHE A 3 -0.79 -8.76 0.09
N ILE A 4 0.08 -8.35 1.03
CA ILE A 4 0.87 -9.27 1.81
C ILE A 4 0.59 -9.04 3.30
N ASP A 5 1.67 -8.89 4.07
CA ASP A 5 1.54 -8.66 5.51
C ASP A 5 2.90 -8.84 6.17
N ASN A 6 3.29 -7.86 6.99
CA ASN A 6 4.57 -7.91 7.68
C ASN A 6 5.66 -8.35 6.72
N THR A 7 5.44 -8.12 5.42
CA THR A 7 6.41 -8.49 4.41
C THR A 7 7.54 -7.47 4.37
N CYS A 8 8.38 -7.47 5.41
CA CYS A 8 9.50 -6.55 5.48
C CYS A 8 10.75 -7.21 4.92
N ARG A 9 11.85 -6.45 4.86
CA ARG A 9 13.09 -6.95 4.34
C ARG A 9 14.26 -6.22 4.99
N GLY A 10 13.98 -5.03 5.54
CA GLY A 10 15.01 -4.24 6.19
C GLY A 10 14.76 -4.16 7.69
N VAL A 11 13.58 -4.63 8.11
CA VAL A 11 13.21 -4.61 9.51
C VAL A 11 14.33 -5.20 10.34
N MET A 12 15.31 -5.81 9.68
CA MET A 12 16.43 -6.42 10.36
C MET A 12 17.52 -5.38 10.59
N GLY A 13 17.67 -4.46 9.65
CA GLY A 13 18.67 -3.41 9.75
C GLY A 13 18.09 -2.20 10.45
N ASN A 14 16.88 -1.80 10.05
CA ASN A 14 16.22 -0.65 10.64
C ASN A 14 16.40 -0.67 12.16
N ARG A 15 15.65 -1.54 12.84
CA ARG A 15 15.73 -1.66 14.28
C ARG A 15 15.36 -0.33 14.93
N ASP A 16 14.81 0.58 14.13
CA ASP A 16 14.42 1.89 14.63
C ASP A 16 13.02 2.23 14.13
N ILE A 17 12.79 2.10 12.83
CA ILE A 17 11.50 2.40 12.24
C ILE A 17 10.45 1.44 12.80
N TYR A 18 10.87 0.21 13.11
CA TYR A 18 9.97 -0.79 13.65
C TYR A 18 9.54 -0.39 15.05
N LYS A 19 10.49 -0.44 16.00
CA LYS A 19 10.21 -0.09 17.37
C LYS A 19 9.32 1.15 17.43
N LYS A 20 9.64 2.14 16.60
CA LYS A 20 8.87 3.37 16.55
C LYS A 20 7.51 3.11 15.93
N VAL A 21 7.51 2.57 14.71
CA VAL A 21 6.27 2.27 14.01
C VAL A 21 5.32 1.54 14.93
N VAL A 22 5.66 0.30 15.30
CA VAL A 22 4.84 -0.50 16.17
C VAL A 22 4.37 0.34 17.36
N ARG A 23 5.26 1.20 17.85
CA ARG A 23 4.94 2.06 18.98
C ARG A 23 3.95 3.13 18.55
N VAL A 24 4.02 3.53 17.27
CA VAL A 24 3.14 4.55 16.74
C VAL A 24 1.72 4.00 16.65
N CYS A 25 1.60 2.70 16.35
CA CYS A 25 0.30 2.06 16.24
C CYS A 25 -0.35 1.99 17.61
N GLU A 26 0.43 1.69 18.64
CA GLU A 26 -0.08 1.60 19.99
C GLU A 26 -0.77 2.91 20.38
N ASP A 27 -0.07 4.02 20.18
CA ASP A 27 -0.61 5.33 20.51
C ASP A 27 -1.99 5.49 19.87
N CYS A 28 -2.05 5.37 18.54
CA CYS A 28 -3.30 5.51 17.82
C CYS A 28 -4.30 4.50 18.33
N THR A 29 -3.86 3.24 18.48
CA THR A 29 -4.74 2.19 18.97
C THR A 29 -5.49 2.66 20.20
N ASN A 30 -4.86 3.57 20.96
CA ASN A 30 -5.47 4.11 22.17
C ASN A 30 -6.53 5.13 21.80
N ILE A 31 -6.20 6.03 20.88
CA ILE A 31 -7.12 7.07 20.45
C ILE A 31 -8.49 6.46 20.20
N PHE A 32 -8.55 5.42 19.36
CA PHE A 32 -9.80 4.76 19.05
C PHE A 32 -10.04 3.61 20.02
N ARG A 33 -8.95 3.11 20.62
CA ARG A 33 -9.04 2.01 21.57
C ARG A 33 -9.54 0.76 20.86
N LEU A 34 -9.28 0.66 19.56
CA LEU A 34 -9.71 -0.48 18.77
C LEU A 34 -8.58 -1.48 18.66
N PRO A 35 -8.88 -2.76 18.89
CA PRO A 35 -7.93 -3.86 18.82
C PRO A 35 -7.56 -4.13 17.36
N GLY A 36 -8.52 -3.91 16.46
CA GLY A 36 -8.30 -4.13 15.05
C GLY A 36 -7.79 -2.86 14.39
N LEU A 37 -6.63 -2.37 14.84
CA LEU A 37 -6.05 -1.17 14.29
C LEU A 37 -4.53 -1.25 14.37
N ASP A 38 -4.00 -1.48 15.58
CA ASP A 38 -2.57 -1.58 15.78
C ASP A 38 -1.95 -2.42 14.67
N GLY A 39 -2.54 -3.59 14.41
CA GLY A 39 -2.04 -4.48 13.38
C GLY A 39 -1.90 -3.72 12.06
N MET A 40 -3.03 -3.29 11.50
CA MET A 40 -3.03 -2.57 10.25
C MET A 40 -1.87 -1.57 10.22
N CYS A 41 -1.81 -0.70 11.23
CA CYS A 41 -0.76 0.29 11.32
C CYS A 41 0.58 -0.34 10.97
N ARG A 42 0.95 -1.39 11.70
CA ARG A 42 2.20 -2.08 11.47
C ARG A 42 1.93 -3.48 10.94
N ASN A 43 1.05 -3.58 9.94
CA ASN A 43 0.71 -4.87 9.36
C ASN A 43 1.64 -5.17 8.20
N ARG A 44 1.20 -4.87 6.98
CA ARG A 44 1.99 -5.11 5.79
C ARG A 44 3.27 -4.31 5.85
N CYS A 45 4.22 -4.74 6.69
CA CYS A 45 5.48 -4.05 6.84
C CYS A 45 5.25 -2.56 7.01
N PHE A 46 4.07 -2.20 7.50
CA PHE A 46 3.72 -0.80 7.71
C PHE A 46 3.55 -0.11 6.36
N TYR A 47 3.18 -0.88 5.34
CA TYR A 47 2.99 -0.34 4.00
C TYR A 47 1.53 -0.44 3.61
N ASN A 48 0.72 0.54 4.01
CA ASN A 48 -0.69 0.55 3.70
C ASN A 48 -1.32 1.86 4.15
N GLU A 49 -0.51 2.92 4.22
CA GLU A 49 -0.98 4.22 4.64
C GLU A 49 -1.53 4.14 6.07
N TRP A 50 -1.75 2.91 6.56
CA TRP A 50 -2.26 2.70 7.90
C TRP A 50 -1.42 3.49 8.89
N PHE A 51 -0.34 4.11 8.41
CA PHE A 51 0.54 4.89 9.26
C PHE A 51 -0.07 6.27 9.48
N LEU A 52 -0.58 6.87 8.41
CA LEU A 52 -1.18 8.19 8.49
C LEU A 52 -2.41 8.15 9.39
N ILE A 53 -3.14 7.04 9.35
CA ILE A 53 -4.34 6.88 10.16
C ILE A 53 -3.98 7.03 11.63
N CYS A 54 -2.95 6.30 12.08
CA CYS A 54 -2.52 6.35 13.46
C CYS A 54 -1.79 7.66 13.72
N LEU A 55 -0.92 8.06 12.78
CA LEU A 55 -0.17 9.29 12.91
C LEU A 55 -1.11 10.46 13.03
N LYS A 56 -2.33 10.31 12.51
CA LYS A 56 -3.32 11.37 12.56
C LYS A 56 -3.90 11.46 13.98
N ALA A 57 -4.22 10.32 14.57
CA ALA A 57 -4.77 10.27 15.91
C ALA A 57 -3.83 10.97 16.87
N ALA A 58 -2.64 11.32 16.39
CA ALA A 58 -1.65 12.00 17.22
C ALA A 58 -1.45 13.42 16.72
N ASN A 59 -2.30 13.85 15.79
CA ASN A 59 -2.21 15.19 15.24
C ASN A 59 -0.91 15.35 14.46
N ARG A 60 0.08 14.52 14.79
CA ARG A 60 1.37 14.58 14.12
C ARG A 60 1.16 14.72 12.61
N GLU A 61 0.69 13.64 11.97
CA GLU A 61 0.45 13.65 10.55
C GLU A 61 1.45 14.56 9.86
N ASP A 62 2.72 14.45 10.23
CA ASP A 62 3.78 15.26 9.66
C ASP A 62 5.02 14.42 9.47
N GLU A 63 5.30 13.53 10.42
CA GLU A 63 6.47 12.67 10.36
C GLU A 63 6.22 11.52 9.39
N ILE A 64 5.10 11.59 8.66
CA ILE A 64 4.74 10.56 7.71
C ILE A 64 5.71 10.60 6.53
N GLU A 65 6.14 11.81 6.14
CA GLU A 65 7.05 11.97 5.03
C GLU A 65 8.30 11.14 5.27
N LYS A 66 8.96 11.35 6.42
CA LYS A 66 10.17 10.62 6.76
C LYS A 66 9.80 9.17 7.08
N PHE A 67 8.64 8.96 7.70
CA PHE A 67 8.20 7.63 8.07
C PHE A 67 7.88 6.83 6.81
N ARG A 68 7.54 7.54 5.72
CA ARG A 68 7.21 6.90 4.46
C ARG A 68 8.47 6.31 3.85
N VAL A 69 9.45 7.16 3.54
CA VAL A 69 10.70 6.73 2.95
C VAL A 69 11.28 5.57 3.74
N TRP A 70 11.02 5.56 5.06
CA TRP A 70 11.51 4.52 5.93
C TRP A 70 10.88 3.19 5.53
N ILE A 71 9.55 3.13 5.54
CA ILE A 71 8.83 1.92 5.19
C ILE A 71 9.35 1.37 3.87
N SER A 72 9.92 2.25 3.03
CA SER A 72 10.45 1.86 1.75
C SER A 72 11.82 1.21 1.94
N ILE A 73 12.57 1.67 2.95
CA ILE A 73 13.88 1.14 3.24
C ILE A 73 13.78 -0.33 3.61
N LEU A 74 12.83 -0.66 4.49
CA LEU A 74 12.62 -2.02 4.92
C LEU A 74 12.35 -2.91 3.71
N ASN A 75 11.95 -2.30 2.59
CA ASN A 75 11.67 -3.04 1.38
C ASN A 75 12.93 -3.16 0.54
N ALA A 76 14.08 -2.83 1.14
CA ALA A 76 15.35 -2.90 0.45
C ALA A 76 15.43 -4.19 -0.34
N GLY A 77 15.71 -5.30 0.35
CA GLY A 77 15.82 -6.60 -0.29
C GLY A 77 14.50 -6.97 -0.94
N GLN A 78 13.39 -6.58 -0.31
CA GLN A 78 12.06 -6.88 -0.84
C GLN A 78 11.85 -6.11 -2.14
N ALA A 1 0.05 -3.65 -5.62
CA ALA A 1 -0.63 -3.09 -4.48
C ALA A 1 -1.76 -2.17 -4.96
N SER A 2 -2.93 -2.75 -5.19
CA SER A 2 -4.09 -1.99 -5.64
C SER A 2 -3.76 -1.32 -6.98
N PHE A 3 -4.12 -1.97 -8.07
CA PHE A 3 -3.88 -1.45 -9.41
C PHE A 3 -5.04 -1.80 -10.33
N ILE A 4 -5.92 -0.83 -10.57
CA ILE A 4 -7.06 -1.03 -11.45
C ILE A 4 -7.05 -0.01 -12.57
N ASP A 5 -8.18 0.68 -12.76
CA ASP A 5 -8.29 1.68 -13.81
C ASP A 5 -9.74 2.15 -13.92
N ASN A 6 -9.94 3.47 -13.82
CA ASN A 6 -11.27 4.03 -13.91
C ASN A 6 -12.26 3.19 -13.11
N THR A 7 -11.74 2.42 -12.15
CA THR A 7 -12.57 1.56 -11.32
C THR A 7 -13.39 2.42 -10.37
N CYS A 8 -14.39 3.12 -10.90
CA CYS A 8 -15.24 3.97 -10.09
C CYS A 8 -16.39 3.15 -9.53
N ARG A 9 -17.25 3.79 -8.74
CA ARG A 9 -18.39 3.12 -8.14
C ARG A 9 -19.36 4.15 -7.57
N GLY A 10 -18.92 5.40 -7.49
CA GLY A 10 -19.74 6.47 -6.97
C GLY A 10 -19.94 7.54 -8.03
N VAL A 11 -19.13 7.50 -9.09
CA VAL A 11 -19.21 8.47 -10.17
C VAL A 11 -20.68 8.71 -10.52
N MET A 12 -21.43 7.63 -10.75
CA MET A 12 -22.82 7.73 -11.09
C MET A 12 -23.52 8.71 -10.17
N GLY A 13 -23.01 8.83 -8.94
CA GLY A 13 -23.58 9.74 -7.96
C GLY A 13 -22.94 11.11 -8.07
N ASN A 14 -21.61 11.15 -7.98
CA ASN A 14 -20.88 12.40 -8.07
C ASN A 14 -21.45 13.26 -9.18
N ARG A 15 -21.09 12.94 -10.43
CA ARG A 15 -21.56 13.68 -11.59
C ARG A 15 -21.03 15.11 -11.53
N ASP A 16 -20.07 15.36 -10.65
CA ASP A 16 -19.49 16.68 -10.50
C ASP A 16 -17.97 16.57 -10.40
N ILE A 17 -17.49 15.79 -9.43
CA ILE A 17 -16.07 15.60 -9.24
C ILE A 17 -15.43 15.14 -10.54
N TYR A 18 -16.19 14.41 -11.36
CA TYR A 18 -15.70 13.91 -12.62
C TYR A 18 -15.41 15.08 -13.56
N LYS A 19 -16.47 15.78 -13.99
CA LYS A 19 -16.32 16.91 -14.88
C LYS A 19 -15.11 17.74 -14.47
N LYS A 20 -15.02 18.07 -13.17
CA LYS A 20 -13.92 18.86 -12.67
C LYS A 20 -12.61 18.11 -12.88
N VAL A 21 -12.48 16.94 -12.25
CA VAL A 21 -11.28 16.14 -12.37
C VAL A 21 -10.79 16.16 -13.81
N VAL A 22 -11.55 15.54 -14.71
CA VAL A 22 -11.19 15.48 -16.12
C VAL A 22 -10.72 16.86 -16.58
N ARG A 23 -11.26 17.91 -15.96
CA ARG A 23 -10.89 19.27 -16.31
C ARG A 23 -9.49 19.57 -15.80
N VAL A 24 -9.14 18.99 -14.64
CA VAL A 24 -7.83 19.20 -14.05
C VAL A 24 -6.78 18.40 -14.81
N CYS A 25 -7.23 17.39 -15.55
CA CYS A 25 -6.33 16.56 -16.33
C CYS A 25 -5.94 17.26 -17.62
N GLU A 26 -6.93 17.85 -18.30
CA GLU A 26 -6.68 18.55 -19.53
C GLU A 26 -5.77 19.75 -19.28
N ASP A 27 -5.88 20.34 -18.10
CA ASP A 27 -5.07 21.49 -17.73
C ASP A 27 -3.61 21.06 -17.62
N CYS A 28 -3.33 20.07 -16.78
CA CYS A 28 -1.98 19.58 -16.59
C CYS A 28 -1.45 19.04 -17.90
N THR A 29 -2.12 18.03 -18.45
CA THR A 29 -1.71 17.42 -19.70
C THR A 29 -1.35 18.50 -20.71
N ASN A 30 -1.96 19.69 -20.55
CA ASN A 30 -1.69 20.80 -21.44
C ASN A 30 -0.38 21.47 -21.06
N ILE A 31 -0.12 21.57 -19.76
CA ILE A 31 1.10 22.19 -19.26
C ILE A 31 2.30 21.57 -19.94
N PHE A 32 2.39 20.23 -19.91
CA PHE A 32 3.49 19.53 -20.52
C PHE A 32 3.15 19.19 -21.97
N ARG A 33 1.85 19.22 -22.31
CA ARG A 33 1.41 18.93 -23.64
C ARG A 33 1.66 17.46 -23.96
N LEU A 34 1.72 16.62 -22.92
CA LEU A 34 1.96 15.21 -23.09
C LEU A 34 0.63 14.47 -23.23
N PRO A 35 0.52 13.62 -24.26
CA PRO A 35 -0.67 12.84 -24.55
C PRO A 35 -0.80 11.72 -23.52
N GLY A 36 0.34 11.22 -23.05
CA GLY A 36 0.34 10.14 -22.06
C GLY A 36 0.41 10.72 -20.65
N LEU A 37 -0.60 11.49 -20.26
CA LEU A 37 -0.65 12.10 -18.95
C LEU A 37 -2.10 12.33 -18.54
N ASP A 38 -2.86 13.03 -19.39
CA ASP A 38 -4.25 13.32 -19.11
C ASP A 38 -4.94 12.07 -18.58
N GLY A 39 -4.87 10.97 -19.34
CA GLY A 39 -5.49 9.73 -18.94
C GLY A 39 -5.18 9.44 -17.47
N MET A 40 -3.91 9.25 -17.16
CA MET A 40 -3.49 8.96 -15.80
C MET A 40 -4.27 9.83 -14.82
N CYS A 41 -4.14 11.15 -14.98
CA CYS A 41 -4.82 12.10 -14.12
C CYS A 41 -6.23 11.61 -13.84
N ARG A 42 -6.89 11.04 -14.86
CA ARG A 42 -8.24 10.54 -14.71
C ARG A 42 -8.30 9.09 -15.20
N ASN A 43 -7.31 8.29 -14.81
CA ASN A 43 -7.25 6.90 -15.21
C ASN A 43 -7.97 6.04 -14.17
N ARG A 44 -7.22 5.56 -13.17
CA ARG A 44 -7.78 4.74 -12.13
C ARG A 44 -8.84 5.52 -11.36
N CYS A 45 -10.01 5.71 -11.97
CA CYS A 45 -11.09 6.45 -11.35
C CYS A 45 -10.54 7.67 -10.63
N PHE A 46 -9.37 8.15 -11.08
CA PHE A 46 -8.75 9.31 -10.48
C PHE A 46 -8.15 8.93 -9.13
N TYR A 47 -7.44 7.80 -9.08
CA TYR A 47 -6.82 7.34 -7.85
C TYR A 47 -5.40 6.89 -8.13
N ASN A 48 -4.46 7.84 -8.11
CA ASN A 48 -3.06 7.55 -8.35
C ASN A 48 -2.22 8.80 -8.12
N GLU A 49 -2.71 9.68 -7.25
CA GLU A 49 -1.99 10.90 -6.92
C GLU A 49 -1.83 11.75 -8.19
N TRP A 50 -2.02 11.13 -9.35
CA TRP A 50 -1.90 11.83 -10.61
C TRP A 50 -2.68 13.13 -10.56
N PHE A 51 -3.51 13.28 -9.53
CA PHE A 51 -4.33 14.47 -9.37
C PHE A 51 -3.47 15.61 -8.82
N LEU A 52 -2.43 15.26 -8.06
CA LEU A 52 -1.54 16.24 -7.48
C LEU A 52 -0.55 16.73 -8.53
N ILE A 53 -0.12 15.82 -9.42
CA ILE A 53 0.82 16.17 -10.46
C ILE A 53 0.21 17.22 -11.37
N CYS A 54 -1.07 17.08 -11.69
CA CYS A 54 -1.76 18.02 -12.55
C CYS A 54 -2.02 19.31 -11.79
N LEU A 55 -2.61 19.20 -10.60
CA LEU A 55 -2.92 20.35 -9.78
C LEU A 55 -1.65 21.15 -9.54
N LYS A 56 -0.50 20.48 -9.55
CA LYS A 56 0.78 21.14 -9.33
C LYS A 56 1.11 22.03 -10.52
N ALA A 57 0.91 21.51 -11.73
CA ALA A 57 1.19 22.25 -12.94
C ALA A 57 0.12 23.31 -13.15
N ALA A 58 -0.91 23.29 -12.31
CA ALA A 58 -1.99 24.25 -12.42
C ALA A 58 -1.84 25.32 -11.35
N ASN A 59 -0.89 25.12 -10.43
CA ASN A 59 -0.65 26.07 -9.36
C ASN A 59 -1.78 26.02 -8.35
N ARG A 60 -1.67 25.12 -7.37
CA ARG A 60 -2.68 24.97 -6.35
C ARG A 60 -2.20 24.00 -5.29
N GLU A 61 -1.98 22.74 -5.68
CA GLU A 61 -1.52 21.72 -4.76
C GLU A 61 -2.10 21.98 -3.37
N ASP A 62 -3.37 22.39 -3.32
CA ASP A 62 -4.03 22.66 -2.06
C ASP A 62 -5.43 22.08 -2.09
N GLU A 63 -6.09 22.15 -3.25
CA GLU A 63 -7.44 21.63 -3.40
C GLU A 63 -7.39 20.11 -3.50
N ILE A 64 -6.23 19.53 -3.22
CA ILE A 64 -6.07 18.09 -3.28
C ILE A 64 -6.75 17.44 -2.07
N GLU A 65 -6.66 18.09 -0.92
CA GLU A 65 -7.27 17.58 0.29
C GLU A 65 -8.75 17.30 0.05
N LYS A 66 -9.48 18.32 -0.38
CA LYS A 66 -10.91 18.18 -0.66
C LYS A 66 -11.12 17.25 -1.85
N PHE A 67 -10.25 17.36 -2.85
CA PHE A 67 -10.35 16.54 -4.04
C PHE A 67 -10.08 15.09 -3.68
N ARG A 68 -9.27 14.87 -2.64
CA ARG A 68 -8.94 13.53 -2.20
C ARG A 68 -10.19 12.81 -1.71
N VAL A 69 -10.86 13.39 -0.71
CA VAL A 69 -12.07 12.81 -0.17
C VAL A 69 -13.05 12.52 -1.29
N TRP A 70 -13.03 13.36 -2.34
CA TRP A 70 -13.92 13.18 -3.47
C TRP A 70 -13.60 11.89 -4.20
N ILE A 71 -12.33 11.72 -4.57
CA ILE A 71 -11.89 10.53 -5.27
C ILE A 71 -12.32 9.29 -4.50
N SER A 72 -12.51 9.44 -3.19
CA SER A 72 -12.92 8.34 -2.35
C SER A 72 -14.41 8.08 -2.52
N ILE A 73 -15.18 9.16 -2.67
CA ILE A 73 -16.62 9.05 -2.85
C ILE A 73 -16.93 8.17 -4.06
N LEU A 74 -16.17 8.35 -5.14
CA LEU A 74 -16.37 7.56 -6.34
C LEU A 74 -16.10 6.10 -6.05
N ASN A 75 -15.35 5.82 -4.98
CA ASN A 75 -15.04 4.46 -4.60
C ASN A 75 -16.12 3.91 -3.67
N ALA A 76 -17.23 4.64 -3.56
CA ALA A 76 -18.33 4.23 -2.71
C ALA A 76 -18.93 2.93 -3.23
N GLY A 77 -18.18 1.84 -3.12
CA GLY A 77 -18.63 0.55 -3.58
C GLY A 77 -17.47 -0.26 -4.14
N GLN A 78 -16.43 0.44 -4.62
CA GLN A 78 -15.27 -0.21 -5.18
C GLN A 78 -14.21 -0.39 -4.10
N ALA A 1 0.05 -3.65 -5.62
CA ALA A 1 -0.63 -3.09 -4.48
C ALA A 1 -2.06 -2.71 -4.87
N SER A 2 -2.87 -2.35 -3.87
CA SER A 2 -4.25 -1.97 -4.11
C SER A 2 -4.30 -0.75 -5.02
N PHE A 3 -4.11 0.44 -4.45
CA PHE A 3 -4.13 1.67 -5.21
C PHE A 3 -3.78 2.84 -4.30
N ILE A 4 -3.02 2.56 -3.23
CA ILE A 4 -2.61 3.59 -2.30
C ILE A 4 -1.12 3.86 -2.45
N ASP A 5 -0.40 3.84 -1.32
CA ASP A 5 1.03 4.07 -1.33
C ASP A 5 1.51 4.37 0.08
N ASN A 6 2.59 3.70 0.51
CA ASN A 6 3.14 3.90 1.83
C ASN A 6 2.01 4.00 2.85
N THR A 7 0.87 3.40 2.54
CA THR A 7 -0.28 3.44 3.42
C THR A 7 0.04 2.69 4.72
N CYS A 8 0.96 3.24 5.51
CA CYS A 8 1.36 2.62 6.76
C CYS A 8 0.52 3.19 7.90
N ARG A 9 -0.09 2.31 8.70
CA ARG A 9 -0.90 2.73 9.82
C ARG A 9 -0.33 2.17 11.12
N GLY A 10 0.80 1.48 11.02
CA GLY A 10 1.45 0.90 12.19
C GLY A 10 2.86 1.44 12.32
N VAL A 11 3.39 2.01 11.23
CA VAL A 11 4.73 2.55 11.23
C VAL A 11 4.95 3.40 12.48
N MET A 12 3.85 3.82 13.12
CA MET A 12 3.93 4.63 14.31
C MET A 12 4.44 3.79 15.47
N GLY A 13 4.11 2.50 15.47
CA GLY A 13 4.56 1.60 16.52
C GLY A 13 5.90 0.98 16.16
N ASN A 14 5.98 0.39 14.97
CA ASN A 14 7.20 -0.25 14.52
C ASN A 14 8.39 0.65 14.84
N ARG A 15 8.57 1.72 14.05
CA ARG A 15 9.66 2.65 14.24
C ARG A 15 10.99 1.90 14.17
N ASP A 16 11.01 0.79 13.43
CA ASP A 16 12.21 -0.01 13.29
C ASP A 16 12.21 -0.70 11.93
N ILE A 17 11.02 -1.03 11.43
CA ILE A 17 10.89 -1.69 10.14
C ILE A 17 10.91 -0.66 9.02
N TYR A 18 10.37 0.53 9.30
CA TYR A 18 10.32 1.60 8.31
C TYR A 18 11.74 2.04 7.98
N LYS A 19 12.53 2.37 9.01
CA LYS A 19 13.89 2.81 8.82
C LYS A 19 14.71 1.70 8.17
N LYS A 20 14.55 0.47 8.68
CA LYS A 20 15.27 -0.67 8.16
C LYS A 20 14.88 -0.92 6.72
N VAL A 21 13.56 -1.04 6.47
CA VAL A 21 13.06 -1.28 5.14
C VAL A 21 13.69 -0.30 4.16
N VAL A 22 13.36 0.99 4.29
CA VAL A 22 13.91 2.00 3.42
C VAL A 22 15.40 1.78 3.23
N ARG A 23 16.06 1.25 4.26
CA ARG A 23 17.48 0.98 4.21
C ARG A 23 17.75 -0.23 3.33
N VAL A 24 16.85 -1.21 3.37
CA VAL A 24 16.99 -2.41 2.58
C VAL A 24 16.90 -2.07 1.10
N CYS A 25 16.02 -1.11 0.77
CA CYS A 25 15.83 -0.70 -0.61
C CYS A 25 17.11 -0.05 -1.13
N GLU A 26 17.69 0.84 -0.34
CA GLU A 26 18.91 1.52 -0.73
C GLU A 26 19.93 0.51 -1.24
N ASP A 27 20.18 -0.53 -0.45
CA ASP A 27 21.13 -1.57 -0.82
C ASP A 27 20.80 -2.09 -2.21
N CYS A 28 19.58 -2.57 -2.40
CA CYS A 28 19.14 -3.09 -3.67
C CYS A 28 19.28 -2.02 -4.74
N THR A 29 18.97 -0.77 -4.39
CA THR A 29 19.07 0.33 -5.32
C THR A 29 20.46 0.38 -5.92
N ASN A 30 21.46 -0.08 -5.17
CA ASN A 30 22.83 -0.09 -5.62
C ASN A 30 23.06 -1.26 -6.57
N ILE A 31 22.51 -2.42 -6.23
CA ILE A 31 22.65 -3.60 -7.06
C ILE A 31 22.32 -3.27 -8.51
N PHE A 32 21.16 -2.63 -8.73
CA PHE A 32 20.73 -2.26 -10.05
C PHE A 32 21.23 -0.86 -10.38
N ARG A 33 21.52 -0.07 -9.35
CA ARG A 33 22.00 1.29 -9.52
C ARG A 33 20.91 2.15 -10.14
N LEU A 34 19.65 1.77 -9.89
CA LEU A 34 18.51 2.51 -10.42
C LEU A 34 17.86 3.31 -9.30
N PRO A 35 17.60 4.59 -9.56
CA PRO A 35 16.98 5.50 -8.62
C PRO A 35 15.50 5.16 -8.48
N GLY A 36 14.90 4.66 -9.57
CA GLY A 36 13.50 4.31 -9.56
C GLY A 36 13.33 2.87 -9.09
N LEU A 37 13.69 2.60 -7.84
CA LEU A 37 13.57 1.26 -7.27
C LEU A 37 13.34 1.36 -5.78
N ASP A 38 14.21 2.07 -5.07
CA ASP A 38 14.10 2.24 -3.65
C ASP A 38 12.65 2.49 -3.27
N GLY A 39 12.02 3.49 -3.90
CA GLY A 39 10.64 3.83 -3.63
C GLY A 39 9.80 2.57 -3.59
N MET A 40 9.61 1.94 -4.75
CA MET A 40 8.81 0.73 -4.85
C MET A 40 9.12 -0.19 -3.67
N CYS A 41 10.40 -0.54 -3.51
CA CYS A 41 10.82 -1.40 -2.43
C CYS A 41 10.12 -1.00 -1.14
N ARG A 42 9.80 0.29 -1.01
CA ARG A 42 9.13 0.80 0.17
C ARG A 42 8.07 1.82 -0.23
N ASN A 43 7.31 1.50 -1.29
CA ASN A 43 6.27 2.39 -1.76
C ASN A 43 4.99 2.15 -0.98
N ARG A 44 4.10 1.33 -1.54
CA ARG A 44 2.84 1.02 -0.90
C ARG A 44 3.09 0.32 0.43
N CYS A 45 3.54 1.08 1.43
CA CYS A 45 3.82 0.53 2.74
C CYS A 45 4.56 -0.80 2.60
N PHE A 46 5.69 -0.78 1.88
CA PHE A 46 6.47 -1.98 1.67
C PHE A 46 5.57 -3.12 1.24
N TYR A 47 4.36 -2.78 0.76
CA TYR A 47 3.41 -3.79 0.32
C TYR A 47 3.36 -3.80 -1.20
N ASN A 48 4.24 -4.59 -1.83
CA ASN A 48 4.27 -4.68 -3.28
C ASN A 48 5.34 -5.67 -3.70
N GLU A 49 5.63 -6.64 -2.82
CA GLU A 49 6.63 -7.66 -3.11
C GLU A 49 7.97 -7.00 -3.39
N TRP A 50 7.94 -5.73 -3.80
CA TRP A 50 9.16 -5.00 -4.10
C TRP A 50 10.16 -5.17 -2.96
N PHE A 51 9.68 -5.68 -1.82
CA PHE A 51 10.52 -5.90 -0.66
C PHE A 51 11.38 -7.14 -0.88
N LEU A 52 10.91 -8.06 -1.72
CA LEU A 52 11.63 -9.29 -2.00
C LEU A 52 12.62 -9.06 -3.13
N ILE A 53 12.22 -8.25 -4.13
CA ILE A 53 13.08 -7.95 -5.26
C ILE A 53 14.41 -7.40 -4.76
N CYS A 54 14.35 -6.50 -3.79
CA CYS A 54 15.55 -5.89 -3.23
C CYS A 54 16.28 -6.90 -2.35
N LEU A 55 15.52 -7.57 -1.46
CA LEU A 55 16.10 -8.55 -0.57
C LEU A 55 16.90 -9.57 -1.37
N LYS A 56 16.45 -9.86 -2.59
CA LYS A 56 17.12 -10.81 -3.45
C LYS A 56 18.46 -10.25 -3.90
N ALA A 57 18.47 -8.97 -4.30
CA ALA A 57 19.68 -8.31 -4.76
C ALA A 57 20.77 -8.46 -3.71
N ALA A 58 20.37 -8.86 -2.49
CA ALA A 58 21.32 -9.03 -1.41
C ALA A 58 21.50 -10.52 -1.10
N ASN A 59 20.96 -11.37 -1.97
CA ASN A 59 21.07 -12.81 -1.79
C ASN A 59 20.30 -13.23 -0.55
N ARG A 60 20.10 -12.29 0.38
CA ARG A 60 19.39 -12.57 1.61
C ARG A 60 18.15 -13.40 1.31
N GLU A 61 17.15 -12.77 0.68
CA GLU A 61 15.91 -13.45 0.34
C GLU A 61 15.57 -14.47 1.42
N ASP A 62 15.91 -14.16 2.67
CA ASP A 62 15.64 -15.05 3.78
C ASP A 62 14.84 -14.32 4.85
N GLU A 63 15.16 -13.05 5.07
CA GLU A 63 14.46 -12.24 6.05
C GLU A 63 13.11 -11.80 5.51
N ILE A 64 12.69 -12.41 4.39
CA ILE A 64 11.42 -12.09 3.78
C ILE A 64 10.28 -12.50 4.70
N GLU A 65 10.38 -13.70 5.28
CA GLU A 65 9.36 -14.20 6.18
C GLU A 65 9.02 -13.14 7.22
N LYS A 66 10.04 -12.64 7.92
CA LYS A 66 9.83 -11.62 8.93
C LYS A 66 9.54 -10.28 8.28
N PHE A 67 10.26 -9.98 7.19
CA PHE A 67 10.06 -8.73 6.49
C PHE A 67 8.62 -8.61 6.03
N ARG A 68 8.01 -9.74 5.67
CA ARG A 68 6.63 -9.76 5.22
C ARG A 68 5.71 -9.43 6.38
N VAL A 69 5.69 -10.29 7.40
CA VAL A 69 4.86 -10.09 8.56
C VAL A 69 4.99 -8.66 9.06
N TRP A 70 6.18 -8.08 8.88
CA TRP A 70 6.43 -6.72 9.31
C TRP A 70 5.49 -5.77 8.57
N ILE A 71 5.46 -5.87 7.24
CA ILE A 71 4.62 -5.02 6.43
C ILE A 71 3.18 -5.08 6.94
N SER A 72 2.82 -6.22 7.54
CA SER A 72 1.48 -6.41 8.07
C SER A 72 1.32 -5.64 9.37
N ILE A 73 2.42 -5.52 10.13
CA ILE A 73 2.40 -4.81 11.40
C ILE A 73 2.09 -3.34 11.16
N LEU A 74 2.65 -2.77 10.08
CA LEU A 74 2.43 -1.39 9.75
C LEU A 74 0.99 -1.18 9.33
N ASN A 75 0.23 -2.27 9.20
CA ASN A 75 -1.16 -2.20 8.81
C ASN A 75 -2.05 -2.35 10.04
N ALA A 76 -1.48 -2.17 11.23
CA ALA A 76 -2.21 -2.29 12.47
C ALA A 76 -3.53 -1.53 12.35
N GLY A 77 -3.48 -0.21 12.48
CA GLY A 77 -4.67 0.61 12.38
C GLY A 77 -5.49 0.22 11.16
N GLN A 78 -4.82 -0.02 10.04
CA GLN A 78 -5.49 -0.40 8.81
C GLN A 78 -6.31 -1.66 9.05
N ALA A 1 0.05 -3.65 -5.62
CA ALA A 1 -0.63 -3.09 -4.48
C ALA A 1 0.30 -3.04 -3.28
N SER A 2 1.09 -1.98 -3.16
CA SER A 2 2.01 -1.83 -2.06
C SER A 2 2.92 -3.05 -1.98
N PHE A 3 3.78 -3.09 -0.96
CA PHE A 3 4.69 -4.21 -0.78
C PHE A 3 4.10 -5.20 0.21
N ILE A 4 2.77 -5.30 0.23
CA ILE A 4 2.08 -6.20 1.13
C ILE A 4 1.96 -7.57 0.48
N ASP A 5 0.73 -8.08 0.37
CA ASP A 5 0.48 -9.38 -0.23
C ASP A 5 0.89 -10.49 0.74
N ASN A 6 -0.03 -11.41 1.00
CA ASN A 6 0.24 -12.52 1.91
C ASN A 6 0.90 -11.98 3.17
N THR A 7 0.76 -10.69 3.43
CA THR A 7 1.35 -10.07 4.60
C THR A 7 0.41 -10.21 5.79
N CYS A 8 0.26 -11.45 6.29
CA CYS A 8 -0.60 -11.72 7.41
C CYS A 8 0.04 -11.22 8.69
N ARG A 9 -0.16 -11.94 9.79
CA ARG A 9 0.41 -11.56 11.08
C ARG A 9 0.32 -12.73 12.05
N GLY A 10 -0.68 -13.60 11.84
CA GLY A 10 -0.87 -14.76 12.70
C GLY A 10 -0.69 -16.05 11.89
N VAL A 11 -0.27 -15.91 10.64
CA VAL A 11 -0.07 -17.05 9.77
C VAL A 11 0.74 -18.12 10.51
N MET A 12 1.66 -17.68 11.38
CA MET A 12 2.48 -18.60 12.13
C MET A 12 1.67 -19.20 13.27
N GLY A 13 0.68 -18.45 13.76
CA GLY A 13 -0.17 -18.92 14.84
C GLY A 13 -1.29 -19.79 14.31
N ASN A 14 -1.95 -19.32 13.24
CA ASN A 14 -3.04 -20.06 12.63
C ASN A 14 -2.56 -21.43 12.17
N ARG A 15 -1.62 -21.45 11.23
CA ARG A 15 -1.08 -22.68 10.70
C ARG A 15 -2.21 -23.68 10.47
N ASP A 16 -3.44 -23.18 10.36
CA ASP A 16 -4.59 -24.01 10.13
C ASP A 16 -5.47 -23.41 9.05
N ILE A 17 -5.80 -22.12 9.18
CA ILE A 17 -6.62 -21.43 8.22
C ILE A 17 -5.84 -21.21 6.94
N TYR A 18 -4.54 -21.47 6.98
CA TYR A 18 -3.68 -21.31 5.82
C TYR A 18 -3.78 -22.53 4.91
N LYS A 19 -4.10 -23.68 5.51
CA LYS A 19 -4.22 -24.92 4.76
C LYS A 19 -5.58 -24.97 4.07
N LYS A 20 -6.63 -24.62 4.81
CA LYS A 20 -7.98 -24.63 4.28
C LYS A 20 -8.09 -23.63 3.14
N VAL A 21 -7.50 -22.44 3.32
CA VAL A 21 -7.53 -21.40 2.31
C VAL A 21 -6.86 -21.91 1.04
N VAL A 22 -5.54 -22.09 1.09
CA VAL A 22 -4.80 -22.57 -0.06
C VAL A 22 -5.55 -23.71 -0.72
N ARG A 23 -6.38 -24.40 0.04
CA ARG A 23 -7.16 -25.52 -0.47
C ARG A 23 -8.29 -25.00 -1.35
N VAL A 24 -8.90 -23.88 -0.94
CA VAL A 24 -9.99 -23.29 -1.70
C VAL A 24 -9.44 -22.53 -2.89
N CYS A 25 -8.18 -22.11 -2.79
CA CYS A 25 -7.53 -21.37 -3.86
C CYS A 25 -7.34 -22.27 -5.07
N GLU A 26 -6.62 -23.38 -4.88
CA GLU A 26 -6.37 -24.32 -5.96
C GLU A 26 -7.69 -24.78 -6.57
N ASP A 27 -8.64 -25.16 -5.70
CA ASP A 27 -9.94 -25.62 -6.15
C ASP A 27 -10.49 -24.65 -7.20
N CYS A 28 -10.85 -23.44 -6.76
CA CYS A 28 -11.39 -22.44 -7.67
C CYS A 28 -10.46 -22.25 -8.85
N THR A 29 -9.16 -22.12 -8.58
CA THR A 29 -8.17 -21.94 -9.62
C THR A 29 -8.43 -22.93 -10.75
N ASN A 30 -9.05 -24.06 -10.43
CA ASN A 30 -9.35 -25.08 -11.42
C ASN A 30 -10.65 -24.73 -12.14
N ILE A 31 -11.65 -24.29 -11.37
CA ILE A 31 -12.94 -23.92 -11.94
C ILE A 31 -12.73 -23.03 -13.16
N PHE A 32 -11.99 -21.93 -12.98
CA PHE A 32 -11.72 -21.01 -14.06
C PHE A 32 -10.45 -21.43 -14.79
N ARG A 33 -9.63 -22.25 -14.14
CA ARG A 33 -8.39 -22.73 -14.73
C ARG A 33 -7.36 -21.61 -14.72
N LEU A 34 -7.82 -20.36 -14.79
CA LEU A 34 -6.94 -19.21 -14.77
C LEU A 34 -5.87 -19.39 -13.70
N PRO A 35 -4.60 -19.24 -14.10
CA PRO A 35 -3.45 -19.38 -13.23
C PRO A 35 -3.38 -18.18 -12.29
N GLY A 36 -3.81 -17.01 -12.78
CA GLY A 36 -3.78 -15.80 -11.98
C GLY A 36 -5.06 -15.68 -11.16
N LEU A 37 -5.20 -16.56 -10.17
CA LEU A 37 -6.36 -16.55 -9.31
C LEU A 37 -6.03 -17.18 -7.96
N ASP A 38 -5.26 -18.26 -7.98
CA ASP A 38 -4.86 -18.94 -6.76
C ASP A 38 -4.33 -17.93 -5.75
N GLY A 39 -3.19 -17.31 -6.09
CA GLY A 39 -2.58 -16.32 -5.21
C GLY A 39 -3.65 -15.43 -4.61
N MET A 40 -4.40 -14.73 -5.46
CA MET A 40 -5.45 -13.83 -5.00
C MET A 40 -6.22 -14.49 -3.86
N CYS A 41 -6.83 -15.66 -4.14
CA CYS A 41 -7.59 -16.38 -3.14
C CYS A 41 -6.85 -16.36 -1.81
N ARG A 42 -5.52 -16.42 -1.87
CA ARG A 42 -4.71 -16.41 -0.67
C ARG A 42 -3.67 -15.30 -0.75
N ASN A 43 -4.08 -14.13 -1.25
CA ASN A 43 -3.19 -12.99 -1.39
C ASN A 43 -3.43 -12.00 -0.25
N ARG A 44 -2.70 -10.89 -0.27
CA ARG A 44 -2.83 -9.87 0.75
C ARG A 44 -3.40 -10.50 2.02
N CYS A 45 -2.80 -11.60 2.47
CA CYS A 45 -3.23 -12.28 3.67
C CYS A 45 -4.68 -12.71 3.51
N PHE A 46 -4.96 -13.50 2.47
CA PHE A 46 -6.29 -13.99 2.20
C PHE A 46 -7.32 -12.92 2.59
N TYR A 47 -6.93 -11.65 2.43
CA TYR A 47 -7.82 -10.55 2.77
C TYR A 47 -8.12 -9.74 1.52
N ASN A 48 -9.10 -10.21 0.73
CA ASN A 48 -9.49 -9.52 -0.48
C ASN A 48 -10.75 -10.16 -1.06
N GLU A 49 -11.58 -10.73 -0.19
CA GLU A 49 -12.81 -11.37 -0.61
C GLU A 49 -12.50 -12.44 -1.65
N TRP A 50 -11.27 -12.45 -2.15
CA TRP A 50 -10.86 -13.42 -3.15
C TRP A 50 -11.23 -14.82 -2.69
N PHE A 51 -11.66 -14.94 -1.43
CA PHE A 51 -12.03 -16.22 -0.88
C PHE A 51 -13.45 -16.58 -1.32
N LEU A 52 -14.31 -15.56 -1.47
CA LEU A 52 -15.68 -15.77 -1.88
C LEU A 52 -15.72 -16.12 -3.36
N ILE A 53 -14.85 -15.48 -4.15
CA ILE A 53 -14.80 -15.73 -5.58
C ILE A 53 -14.55 -17.20 -5.84
N CYS A 54 -13.68 -17.81 -5.04
CA CYS A 54 -13.35 -19.23 -5.18
C CYS A 54 -14.48 -20.07 -4.61
N LEU A 55 -14.90 -19.75 -3.38
CA LEU A 55 -15.97 -20.48 -2.72
C LEU A 55 -17.21 -20.49 -3.59
N LYS A 56 -17.38 -19.42 -4.39
CA LYS A 56 -18.52 -19.32 -5.28
C LYS A 56 -18.41 -20.32 -6.41
N ALA A 57 -17.22 -20.42 -7.01
CA ALA A 57 -16.97 -21.33 -8.10
C ALA A 57 -17.03 -22.77 -7.58
N ALA A 58 -17.07 -22.92 -6.26
CA ALA A 58 -17.13 -24.24 -5.65
C ALA A 58 -18.54 -24.52 -5.16
N ASN A 59 -19.47 -23.62 -5.48
CA ASN A 59 -20.86 -23.78 -5.09
C ASN A 59 -20.99 -23.61 -3.58
N ARG A 60 -19.85 -23.49 -2.89
CA ARG A 60 -19.84 -23.32 -1.45
C ARG A 60 -20.53 -22.03 -1.08
N GLU A 61 -19.88 -20.89 -1.35
CA GLU A 61 -20.45 -19.59 -1.05
C GLU A 61 -21.33 -19.68 0.19
N ASP A 62 -20.80 -20.33 1.24
CA ASP A 62 -21.53 -20.49 2.48
C ASP A 62 -20.58 -20.36 3.66
N GLU A 63 -19.37 -20.91 3.51
CA GLU A 63 -18.37 -20.86 4.57
C GLU A 63 -17.55 -19.59 4.43
N ILE A 64 -18.19 -18.49 4.03
CA ILE A 64 -17.52 -17.22 3.85
C ILE A 64 -17.40 -16.52 5.20
N GLU A 65 -18.53 -16.40 5.91
CA GLU A 65 -18.55 -15.75 7.21
C GLU A 65 -17.51 -16.38 8.12
N LYS A 66 -17.52 -17.72 8.20
CA LYS A 66 -16.58 -18.44 9.04
C LYS A 66 -15.15 -18.10 8.61
N PHE A 67 -14.88 -18.19 7.31
CA PHE A 67 -13.56 -17.90 6.78
C PHE A 67 -13.28 -16.41 6.89
N ARG A 68 -14.34 -15.61 7.04
CA ARG A 68 -14.21 -14.18 7.14
C ARG A 68 -13.42 -13.82 8.40
N VAL A 69 -13.92 -14.26 9.56
CA VAL A 69 -13.28 -13.99 10.82
C VAL A 69 -11.89 -14.64 10.84
N TRP A 70 -11.80 -15.85 10.30
CA TRP A 70 -10.54 -16.56 10.26
C TRP A 70 -9.45 -15.67 9.67
N ILE A 71 -9.61 -15.30 8.40
CA ILE A 71 -8.64 -14.45 7.73
C ILE A 71 -8.31 -13.25 8.60
N SER A 72 -9.28 -12.81 9.40
CA SER A 72 -9.09 -11.68 10.29
C SER A 72 -8.22 -12.10 11.47
N ILE A 73 -8.42 -13.33 11.94
CA ILE A 73 -7.67 -13.85 13.07
C ILE A 73 -6.18 -13.78 12.77
N LEU A 74 -5.81 -13.99 11.50
CA LEU A 74 -4.42 -13.94 11.09
C LEU A 74 -3.87 -12.54 11.28
N ASN A 75 -4.62 -11.54 10.82
CA ASN A 75 -4.20 -10.15 10.94
C ASN A 75 -3.70 -9.89 12.36
N ALA A 76 -4.32 -10.53 13.34
CA ALA A 76 -3.93 -10.36 14.74
C ALA A 76 -3.64 -8.90 15.01
N GLY A 77 -4.21 -8.01 14.20
CA GLY A 77 -4.00 -6.58 14.36
C GLY A 77 -2.73 -6.15 13.66
N GLN A 78 -1.75 -7.06 13.57
CA GLN A 78 -0.49 -6.77 12.93
C GLN A 78 -0.10 -5.32 13.16
N ALA A 1 0.05 -3.65 -5.62
CA ALA A 1 -0.63 -3.09 -4.48
C ALA A 1 -0.03 -1.73 -4.14
N SER A 2 -0.82 -0.66 -4.30
CA SER A 2 -0.35 0.68 -4.01
C SER A 2 -1.45 1.46 -3.29
N PHE A 3 -1.56 1.25 -1.98
CA PHE A 3 -2.55 1.94 -1.18
C PHE A 3 -2.07 2.06 0.26
N ILE A 4 -2.92 1.67 1.22
CA ILE A 4 -2.57 1.75 2.62
C ILE A 4 -1.44 0.76 2.93
N ASP A 5 -1.70 -0.18 3.84
CA ASP A 5 -0.71 -1.17 4.21
C ASP A 5 0.31 -0.54 5.15
N ASN A 6 0.55 -1.19 6.29
CA ASN A 6 1.50 -0.70 7.26
C ASN A 6 1.25 0.78 7.52
N THR A 7 0.02 1.23 7.29
CA THR A 7 -0.35 2.62 7.51
C THR A 7 -0.95 2.79 8.89
N CYS A 8 -0.10 2.80 9.92
CA CYS A 8 -0.54 2.95 11.29
C CYS A 8 -0.82 4.42 11.57
N ARG A 9 -0.50 4.87 12.78
CA ARG A 9 -0.72 6.24 13.18
C ARG A 9 0.23 6.61 14.33
N GLY A 10 0.15 5.85 15.41
CA GLY A 10 1.00 6.11 16.57
C GLY A 10 2.25 5.24 16.50
N VAL A 11 2.42 4.52 15.39
CA VAL A 11 3.56 3.65 15.21
C VAL A 11 4.85 4.41 15.54
N MET A 12 4.75 5.74 15.61
CA MET A 12 5.89 6.57 15.92
C MET A 12 6.12 6.61 17.43
N GLY A 13 5.04 6.47 18.19
CA GLY A 13 5.12 6.49 19.64
C GLY A 13 5.39 5.08 20.16
N ASN A 14 4.58 4.11 19.72
CA ASN A 14 4.73 2.74 20.16
C ASN A 14 6.20 2.35 20.14
N ARG A 15 6.79 2.29 18.94
CA ARG A 15 8.18 1.93 18.79
C ARG A 15 8.50 0.72 19.67
N ASP A 16 7.46 -0.01 20.09
CA ASP A 16 7.63 -1.18 20.92
C ASP A 16 6.77 -2.32 20.39
N ILE A 17 5.50 -2.04 20.11
CA ILE A 17 4.59 -3.04 19.60
C ILE A 17 5.04 -3.50 18.22
N TYR A 18 5.69 -2.59 17.49
CA TYR A 18 6.18 -2.91 16.15
C TYR A 18 7.27 -3.97 16.23
N LYS A 19 8.39 -3.61 16.89
CA LYS A 19 9.50 -4.52 17.03
C LYS A 19 8.99 -5.92 17.37
N LYS A 20 7.94 -5.99 18.20
CA LYS A 20 7.36 -7.25 18.60
C LYS A 20 6.61 -7.87 17.42
N VAL A 21 5.53 -7.20 16.98
CA VAL A 21 4.74 -7.68 15.87
C VAL A 21 5.65 -8.18 14.77
N VAL A 22 6.44 -7.27 14.18
CA VAL A 22 7.34 -7.62 13.11
C VAL A 22 8.12 -8.87 13.48
N ARG A 23 8.54 -8.96 14.74
CA ARG A 23 9.29 -10.11 15.22
C ARG A 23 8.40 -11.34 15.26
N VAL A 24 7.11 -11.11 15.54
CA VAL A 24 6.15 -12.20 15.61
C VAL A 24 5.90 -12.76 14.22
N CYS A 25 5.98 -11.90 13.20
CA CYS A 25 5.76 -12.31 11.82
C CYS A 25 6.94 -13.13 11.34
N GLU A 26 8.14 -12.80 11.84
CA GLU A 26 9.34 -13.51 11.45
C GLU A 26 9.23 -14.98 11.86
N ASP A 27 9.15 -15.23 13.16
CA ASP A 27 9.04 -16.59 13.67
C ASP A 27 7.95 -17.33 12.92
N CYS A 28 6.82 -16.66 12.68
CA CYS A 28 5.71 -17.26 11.97
C CYS A 28 6.12 -17.60 10.55
N THR A 29 6.62 -16.61 9.82
CA THR A 29 7.05 -16.81 8.44
C THR A 29 7.85 -18.11 8.35
N ASN A 30 8.50 -18.49 9.45
CA ASN A 30 9.30 -19.71 9.49
C ASN A 30 8.40 -20.92 9.55
N ILE A 31 7.39 -20.87 10.44
CA ILE A 31 6.46 -21.98 10.59
C ILE A 31 5.98 -22.45 9.23
N PHE A 32 5.55 -21.50 8.39
CA PHE A 32 5.07 -21.83 7.06
C PHE A 32 6.22 -21.77 6.06
N ARG A 33 7.25 -20.99 6.39
CA ARG A 33 8.42 -20.85 5.53
C ARG A 33 8.01 -20.17 4.24
N LEU A 34 6.96 -19.34 4.30
CA LEU A 34 6.48 -18.62 3.14
C LEU A 34 6.90 -17.16 3.22
N PRO A 35 7.39 -16.62 2.11
CA PRO A 35 7.84 -15.25 1.99
C PRO A 35 6.64 -14.32 2.00
N GLY A 36 5.52 -14.78 1.45
CA GLY A 36 4.31 -13.99 1.39
C GLY A 36 3.46 -14.22 2.63
N LEU A 37 3.95 -13.74 3.78
CA LEU A 37 3.24 -13.89 5.04
C LEU A 37 3.71 -12.82 6.03
N ASP A 38 5.03 -12.64 6.13
CA ASP A 38 5.59 -11.66 7.03
C ASP A 38 4.78 -10.36 6.96
N GLY A 39 4.85 -9.69 5.80
CA GLY A 39 4.13 -8.45 5.60
C GLY A 39 2.72 -8.55 6.20
N MET A 40 1.91 -9.45 5.64
CA MET A 40 0.55 -9.64 6.12
C MET A 40 0.52 -9.54 7.64
N CYS A 41 1.27 -10.43 8.31
CA CYS A 41 1.32 -10.44 9.75
C CYS A 41 1.40 -9.02 10.29
N ARG A 42 2.28 -8.21 9.68
CA ARG A 42 2.45 -6.83 10.09
C ARG A 42 2.08 -5.90 8.94
N ASN A 43 0.96 -6.19 8.27
CA ASN A 43 0.50 -5.38 7.16
C ASN A 43 -0.60 -4.45 7.63
N ARG A 44 -1.13 -3.64 6.70
CA ARG A 44 -2.19 -2.70 7.01
C ARG A 44 -2.16 -2.38 8.50
N CYS A 45 -0.99 -2.01 9.01
CA CYS A 45 -0.83 -1.67 10.41
C CYS A 45 -1.26 -2.84 11.27
N PHE A 46 -0.62 -3.99 11.09
CA PHE A 46 -0.93 -5.18 11.85
C PHE A 46 -2.44 -5.25 12.10
N TYR A 47 -3.22 -4.71 11.17
CA TYR A 47 -4.66 -4.71 11.29
C TYR A 47 -5.28 -5.55 10.18
N ASN A 48 -5.37 -6.86 10.41
CA ASN A 48 -5.93 -7.77 9.42
C ASN A 48 -5.91 -9.20 9.96
N GLU A 49 -6.04 -9.34 11.28
CA GLU A 49 -6.03 -10.64 11.91
C GLU A 49 -4.72 -11.37 11.59
N TRP A 50 -4.00 -10.88 10.57
CA TRP A 50 -2.74 -11.47 10.17
C TRP A 50 -1.85 -11.65 11.38
N PHE A 51 -2.18 -10.97 12.48
CA PHE A 51 -1.41 -11.05 13.70
C PHE A 51 -1.75 -12.33 14.45
N LEU A 52 -2.93 -12.89 14.16
CA LEU A 52 -3.37 -14.11 14.81
C LEU A 52 -2.84 -15.31 14.04
N ILE A 53 -2.86 -15.24 12.71
CA ILE A 53 -2.38 -16.32 11.88
C ILE A 53 -0.97 -16.72 12.30
N CYS A 54 -0.08 -15.72 12.44
CA CYS A 54 1.28 -15.97 12.84
C CYS A 54 1.33 -16.36 14.32
N LEU A 55 0.58 -15.62 15.15
CA LEU A 55 0.53 -15.89 16.57
C LEU A 55 0.19 -17.35 16.81
N LYS A 56 -0.66 -17.91 15.95
CA LYS A 56 -1.06 -19.30 16.07
C LYS A 56 0.12 -20.22 15.80
N ALA A 57 0.89 -19.89 14.76
CA ALA A 57 2.05 -20.69 14.40
C ALA A 57 2.98 -20.82 15.59
N ALA A 58 2.73 -20.03 16.64
CA ALA A 58 3.55 -20.06 17.83
C ALA A 58 2.77 -20.72 18.96
N ASN A 59 1.60 -21.29 18.64
CA ASN A 59 0.78 -21.95 19.62
C ASN A 59 0.28 -20.94 20.65
N ARG A 60 0.94 -19.79 20.72
CA ARG A 60 0.57 -18.74 21.65
C ARG A 60 -0.92 -18.44 21.52
N GLU A 61 -1.31 -17.82 20.41
CA GLU A 61 -2.71 -17.49 20.18
C GLU A 61 -3.37 -17.09 21.48
N ASP A 62 -2.60 -16.49 22.38
CA ASP A 62 -3.12 -16.07 23.67
C ASP A 62 -2.85 -14.58 23.87
N GLU A 63 -1.69 -14.11 23.39
CA GLU A 63 -1.32 -12.71 23.52
C GLU A 63 -2.02 -11.89 22.45
N ILE A 64 -2.97 -12.51 21.75
CA ILE A 64 -3.71 -11.83 20.70
C ILE A 64 -4.55 -10.72 21.30
N GLU A 65 -5.13 -10.97 22.48
CA GLU A 65 -5.95 -9.99 23.16
C GLU A 65 -5.19 -8.68 23.31
N LYS A 66 -4.01 -8.75 23.92
CA LYS A 66 -3.18 -7.58 24.12
C LYS A 66 -2.57 -7.14 22.79
N PHE A 67 -2.27 -8.11 21.92
CA PHE A 67 -1.69 -7.81 20.62
C PHE A 67 -2.69 -7.03 19.78
N ARG A 68 -3.98 -7.33 19.94
CA ARG A 68 -5.03 -6.66 19.19
C ARG A 68 -5.12 -5.20 19.63
N VAL A 69 -5.50 -4.97 20.89
CA VAL A 69 -5.62 -3.63 21.41
C VAL A 69 -4.39 -2.81 21.02
N TRP A 70 -3.26 -3.49 20.84
CA TRP A 70 -2.03 -2.81 20.46
C TRP A 70 -2.14 -2.28 19.05
N ILE A 71 -2.65 -3.11 18.14
CA ILE A 71 -2.82 -2.72 16.75
C ILE A 71 -3.73 -1.50 16.66
N SER A 72 -4.59 -1.32 17.66
CA SER A 72 -5.50 -0.20 17.70
C SER A 72 -4.77 1.06 18.16
N ILE A 73 -3.87 0.89 19.14
CA ILE A 73 -3.10 2.00 19.67
C ILE A 73 -2.34 2.68 18.54
N LEU A 74 -1.84 1.90 17.58
CA LEU A 74 -1.10 2.44 16.46
C LEU A 74 -2.02 3.24 15.57
N ASN A 75 -3.31 2.89 15.56
CA ASN A 75 -4.30 3.59 14.75
C ASN A 75 -4.61 4.94 15.38
N ALA A 76 -4.74 4.96 16.71
CA ALA A 76 -5.06 6.18 17.43
C ALA A 76 -6.13 6.96 16.69
N GLY A 77 -6.92 6.26 15.87
CA GLY A 77 -7.98 6.89 15.10
C GLY A 77 -7.51 7.18 13.69
N GLN A 78 -6.32 7.75 13.56
CA GLN A 78 -5.76 8.08 12.26
C GLN A 78 -6.86 8.55 11.33
N ALA A 1 0.05 -3.65 -5.62
CA ALA A 1 -0.63 -3.09 -4.48
C ALA A 1 -1.52 -4.14 -3.83
N SER A 2 -1.14 -4.57 -2.63
CA SER A 2 -1.90 -5.57 -1.90
C SER A 2 -1.99 -6.84 -2.73
N PHE A 3 -2.52 -7.91 -2.13
CA PHE A 3 -2.66 -9.18 -2.81
C PHE A 3 -4.12 -9.59 -2.83
N ILE A 4 -5.01 -8.67 -2.43
CA ILE A 4 -6.43 -8.95 -2.40
C ILE A 4 -7.19 -7.74 -2.93
N ASP A 5 -8.20 -7.28 -2.18
CA ASP A 5 -9.01 -6.14 -2.57
C ASP A 5 -10.27 -6.09 -1.74
N ASN A 6 -10.51 -4.94 -1.09
CA ASN A 6 -11.69 -4.77 -0.26
C ASN A 6 -11.92 -6.02 0.58
N THR A 7 -10.86 -6.80 0.78
CA THR A 7 -10.95 -8.01 1.57
C THR A 7 -11.21 -7.67 3.03
N CYS A 8 -12.30 -6.94 3.29
CA CYS A 8 -12.64 -6.55 4.64
C CYS A 8 -13.06 -7.78 5.44
N ARG A 9 -13.69 -7.55 6.59
CA ARG A 9 -14.13 -8.63 7.45
C ARG A 9 -15.28 -8.17 8.33
N GLY A 10 -15.38 -6.85 8.53
CA GLY A 10 -16.43 -6.28 9.36
C GLY A 10 -17.39 -5.46 8.50
N VAL A 11 -17.17 -5.50 7.18
CA VAL A 11 -18.02 -4.76 6.25
C VAL A 11 -19.48 -5.03 6.56
N MET A 12 -19.74 -6.03 7.42
CA MET A 12 -21.09 -6.38 7.79
C MET A 12 -21.54 -5.55 8.99
N GLY A 13 -21.12 -5.96 10.18
CA GLY A 13 -21.48 -5.25 11.39
C GLY A 13 -21.37 -3.74 11.18
N ASN A 14 -20.32 -3.32 10.46
CA ASN A 14 -20.11 -1.92 10.18
C ASN A 14 -21.31 -1.34 9.44
N ARG A 15 -21.55 -1.83 8.22
CA ARG A 15 -22.66 -1.37 7.41
C ARG A 15 -22.81 0.14 7.55
N ASP A 16 -21.71 0.82 7.90
CA ASP A 16 -21.72 2.26 8.07
C ASP A 16 -20.43 2.86 7.51
N ILE A 17 -19.30 2.30 7.92
CA ILE A 17 -18.00 2.78 7.45
C ILE A 17 -17.87 2.51 5.96
N TYR A 18 -18.60 1.52 5.46
CA TYR A 18 -18.56 1.17 4.06
C TYR A 18 -19.27 2.23 3.22
N LYS A 19 -20.59 2.32 3.38
CA LYS A 19 -21.39 3.28 2.65
C LYS A 19 -20.79 4.67 2.82
N LYS A 20 -20.26 4.96 4.01
CA LYS A 20 -19.66 6.25 4.29
C LYS A 20 -18.35 6.39 3.52
N VAL A 21 -17.48 5.39 3.64
CA VAL A 21 -16.20 5.41 2.94
C VAL A 21 -16.41 5.53 1.45
N VAL A 22 -17.02 4.49 0.85
CA VAL A 22 -17.28 4.49 -0.58
C VAL A 22 -17.81 5.85 -1.00
N ARG A 23 -18.60 6.48 -0.14
CA ARG A 23 -19.17 7.79 -0.44
C ARG A 23 -18.07 8.83 -0.43
N VAL A 24 -17.10 8.69 0.48
CA VAL A 24 -16.00 9.62 0.59
C VAL A 24 -15.10 9.50 -0.64
N CYS A 25 -15.15 8.34 -1.30
CA CYS A 25 -14.35 8.10 -2.49
C CYS A 25 -14.97 8.80 -3.69
N GLU A 26 -16.30 8.78 -3.77
CA GLU A 26 -17.00 9.41 -4.87
C GLU A 26 -16.66 10.88 -4.92
N ASP A 27 -16.83 11.58 -3.79
CA ASP A 27 -16.54 13.00 -3.71
C ASP A 27 -15.11 13.25 -4.15
N CYS A 28 -14.16 12.65 -3.44
CA CYS A 28 -12.74 12.81 -3.76
C CYS A 28 -12.50 12.47 -5.22
N THR A 29 -13.12 11.39 -5.70
CA THR A 29 -12.97 10.96 -7.07
C THR A 29 -13.37 12.09 -8.01
N ASN A 30 -14.21 13.01 -7.52
CA ASN A 30 -14.65 14.13 -8.31
C ASN A 30 -13.59 15.22 -8.33
N ILE A 31 -12.92 15.42 -7.19
CA ILE A 31 -11.88 16.42 -7.08
C ILE A 31 -10.84 16.20 -8.17
N PHE A 32 -10.23 15.02 -8.20
CA PHE A 32 -9.22 14.70 -9.19
C PHE A 32 -9.89 14.12 -10.43
N ARG A 33 -11.14 13.67 -10.28
CA ARG A 33 -11.88 13.10 -11.38
C ARG A 33 -11.35 11.69 -11.68
N LEU A 34 -10.09 11.44 -11.33
CA LEU A 34 -9.47 10.15 -11.56
C LEU A 34 -10.33 9.06 -10.95
N PRO A 35 -10.70 8.06 -11.77
CA PRO A 35 -11.52 6.93 -11.37
C PRO A 35 -10.70 6.01 -10.49
N GLY A 36 -9.38 5.99 -10.69
CA GLY A 36 -8.50 5.14 -9.92
C GLY A 36 -8.70 5.39 -8.43
N LEU A 37 -8.78 6.68 -8.05
CA LEU A 37 -8.96 7.05 -6.66
C LEU A 37 -10.17 6.33 -6.09
N ASP A 38 -11.21 6.17 -6.91
CA ASP A 38 -12.42 5.50 -6.48
C ASP A 38 -12.07 4.23 -5.71
N GLY A 39 -11.81 3.14 -6.44
CA GLY A 39 -11.46 1.87 -5.82
C GLY A 39 -10.41 2.09 -4.73
N MET A 40 -9.23 2.55 -5.14
CA MET A 40 -8.14 2.79 -4.21
C MET A 40 -8.69 3.41 -2.94
N CYS A 41 -9.34 4.56 -3.06
CA CYS A 41 -9.92 5.25 -1.92
C CYS A 41 -10.58 4.24 -0.99
N ARG A 42 -11.22 3.22 -1.57
CA ARG A 42 -11.89 2.20 -0.79
C ARG A 42 -11.47 0.82 -1.28
N ASN A 43 -10.16 0.64 -1.51
CA ASN A 43 -9.64 -0.62 -1.97
C ASN A 43 -9.06 -1.41 -0.80
N ARG A 44 -8.47 -2.57 -1.10
CA ARG A 44 -7.88 -3.41 -0.07
C ARG A 44 -8.53 -3.11 1.28
N CYS A 45 -9.86 -3.09 1.32
CA CYS A 45 -10.59 -2.81 2.53
C CYS A 45 -10.23 -1.43 3.05
N PHE A 46 -10.42 -0.41 2.21
CA PHE A 46 -10.10 0.96 2.58
C PHE A 46 -8.84 1.00 3.41
N TYR A 47 -7.96 0.00 3.20
CA TYR A 47 -6.71 -0.08 3.93
C TYR A 47 -5.55 0.19 2.99
N ASN A 48 -5.20 1.46 2.81
CA ASN A 48 -4.11 1.86 1.94
C ASN A 48 -3.94 3.37 1.95
N GLU A 49 -4.30 4.00 3.07
CA GLU A 49 -4.18 5.44 3.20
C GLU A 49 -5.03 6.12 2.13
N TRP A 50 -5.41 5.37 1.09
CA TRP A 50 -6.22 5.90 0.02
C TRP A 50 -7.41 6.66 0.58
N PHE A 51 -7.64 6.51 1.89
CA PHE A 51 -8.74 7.18 2.55
C PHE A 51 -8.36 8.61 2.88
N LEU A 52 -7.07 8.86 3.07
CA LEU A 52 -6.57 10.18 3.39
C LEU A 52 -6.47 11.01 2.12
N ILE A 53 -6.05 10.37 1.03
CA ILE A 53 -5.91 11.05 -0.25
C ILE A 53 -7.23 11.72 -0.62
N CYS A 54 -8.34 11.02 -0.40
CA CYS A 54 -9.65 11.56 -0.71
C CYS A 54 -10.07 12.55 0.36
N LEU A 55 -9.99 12.14 1.62
CA LEU A 55 -10.35 13.00 2.73
C LEU A 55 -9.56 14.29 2.67
N LYS A 56 -8.53 14.32 1.82
CA LYS A 56 -7.71 15.51 1.67
C LYS A 56 -8.30 16.44 0.62
N ALA A 57 -8.70 15.86 -0.53
CA ALA A 57 -9.28 16.64 -1.60
C ALA A 57 -10.60 17.23 -1.15
N ALA A 58 -11.09 16.80 0.01
CA ALA A 58 -12.34 17.29 0.55
C ALA A 58 -12.08 17.99 1.88
N ASN A 59 -10.82 18.31 2.15
CA ASN A 59 -10.45 18.99 3.38
C ASN A 59 -10.71 18.07 4.57
N ARG A 60 -11.39 16.95 4.32
CA ARG A 60 -11.70 15.99 5.37
C ARG A 60 -10.42 15.44 5.94
N GLU A 61 -9.30 16.11 5.68
CA GLU A 61 -8.01 15.68 6.18
C GLU A 61 -7.95 15.85 7.69
N ASP A 62 -9.01 15.43 8.39
CA ASP A 62 -9.08 15.54 9.83
C ASP A 62 -9.85 14.37 10.41
N GLU A 63 -10.77 13.80 9.61
CA GLU A 63 -11.56 12.67 10.04
C GLU A 63 -10.86 11.37 9.67
N ILE A 64 -9.54 11.42 9.52
CA ILE A 64 -8.76 10.26 9.16
C ILE A 64 -8.52 9.40 10.40
N GLU A 65 -7.91 10.00 11.44
CA GLU A 65 -7.63 9.28 12.66
C GLU A 65 -8.80 8.36 13.01
N LYS A 66 -10.00 8.95 13.13
CA LYS A 66 -11.19 8.18 13.46
C LYS A 66 -11.45 7.15 12.38
N PHE A 67 -11.34 7.56 11.11
CA PHE A 67 -11.57 6.66 10.00
C PHE A 67 -10.60 5.49 10.07
N ARG A 68 -9.43 5.73 10.67
CA ARG A 68 -8.42 4.69 10.80
C ARG A 68 -8.95 3.57 11.68
N VAL A 69 -9.40 3.92 12.88
CA VAL A 69 -9.93 2.93 13.81
C VAL A 69 -11.06 2.16 13.16
N TRP A 70 -11.80 2.82 12.27
CA TRP A 70 -12.90 2.19 11.57
C TRP A 70 -12.39 1.09 10.66
N ILE A 71 -11.55 1.45 9.69
CA ILE A 71 -10.98 0.51 8.76
C ILE A 71 -10.43 -0.69 9.52
N SER A 72 -10.12 -0.50 10.81
CA SER A 72 -9.58 -1.56 11.63
C SER A 72 -10.70 -2.46 12.11
N ILE A 73 -11.87 -1.86 12.38
CA ILE A 73 -13.03 -2.62 12.84
C ILE A 73 -13.40 -3.67 11.81
N LEU A 74 -13.33 -3.29 10.53
CA LEU A 74 -13.67 -4.20 9.44
C LEU A 74 -12.71 -5.38 9.45
N ASN A 75 -11.56 -5.22 10.12
CA ASN A 75 -10.57 -6.27 10.20
C ASN A 75 -10.80 -7.11 11.44
N ALA A 76 -11.98 -6.97 12.06
CA ALA A 76 -12.32 -7.71 13.25
C ALA A 76 -11.89 -9.16 13.09
N GLY A 77 -12.67 -9.95 12.36
CA GLY A 77 -12.36 -11.35 12.13
C GLY A 77 -11.05 -11.48 11.37
N GLN A 78 -10.65 -10.42 10.67
CA GLN A 78 -9.43 -10.42 9.90
C GLN A 78 -8.23 -10.54 10.83
N ALA A 1 0.05 -3.65 -5.62
CA ALA A 1 -0.63 -3.09 -4.48
C ALA A 1 -2.03 -3.67 -4.37
N SER A 2 -2.39 -4.54 -5.31
CA SER A 2 -3.69 -5.17 -5.33
C SER A 2 -4.75 -4.17 -5.79
N PHE A 3 -5.86 -4.69 -6.32
CA PHE A 3 -6.94 -3.85 -6.81
C PHE A 3 -8.11 -3.89 -5.83
N ILE A 4 -7.83 -4.26 -4.58
CA ILE A 4 -8.85 -4.34 -3.57
C ILE A 4 -8.90 -3.03 -2.78
N ASP A 5 -8.87 -3.12 -1.45
CA ASP A 5 -8.92 -1.96 -0.60
C ASP A 5 -8.79 -2.38 0.86
N ASN A 6 -9.66 -1.84 1.71
CA ASN A 6 -9.64 -2.17 3.13
C ASN A 6 -9.78 -3.67 3.32
N THR A 7 -9.14 -4.45 2.44
CA THR A 7 -9.20 -5.89 2.53
C THR A 7 -8.61 -6.36 3.85
N CYS A 8 -9.34 -6.14 4.94
CA CYS A 8 -8.90 -6.55 6.26
C CYS A 8 -9.68 -7.76 6.72
N ARG A 9 -8.99 -8.88 6.93
CA ARG A 9 -9.63 -10.10 7.38
C ARG A 9 -9.22 -10.41 8.82
N GLY A 10 -8.47 -9.49 9.43
CA GLY A 10 -8.02 -9.67 10.80
C GLY A 10 -8.53 -8.52 11.66
N VAL A 11 -8.91 -7.41 11.03
CA VAL A 11 -9.41 -6.25 11.74
C VAL A 11 -10.45 -6.68 12.77
N MET A 12 -11.16 -7.77 12.47
CA MET A 12 -12.17 -8.28 13.37
C MET A 12 -11.54 -8.69 14.69
N GLY A 13 -10.31 -9.18 14.64
CA GLY A 13 -9.60 -9.60 15.83
C GLY A 13 -8.81 -8.44 16.42
N ASN A 14 -7.99 -7.79 15.59
CA ASN A 14 -7.18 -6.66 16.02
C ASN A 14 -8.02 -5.74 16.89
N ARG A 15 -9.03 -5.10 16.29
CA ARG A 15 -9.90 -4.19 17.00
C ARG A 15 -9.06 -3.32 17.93
N ASP A 16 -7.77 -3.18 17.62
CA ASP A 16 -6.88 -2.36 18.43
C ASP A 16 -5.98 -1.54 17.52
N ILE A 17 -5.50 -2.15 16.43
CA ILE A 17 -4.63 -1.47 15.49
C ILE A 17 -5.47 -0.61 14.55
N TYR A 18 -6.61 -1.15 14.11
CA TYR A 18 -7.49 -0.43 13.21
C TYR A 18 -7.86 0.91 13.81
N LYS A 19 -7.87 1.00 15.14
CA LYS A 19 -8.21 2.21 15.83
C LYS A 19 -6.96 3.08 16.00
N LYS A 20 -5.87 2.47 16.46
CA LYS A 20 -4.62 3.19 16.66
C LYS A 20 -4.12 3.73 15.33
N VAL A 21 -4.37 2.98 14.25
CA VAL A 21 -3.94 3.39 12.92
C VAL A 21 -4.79 4.55 12.44
N VAL A 22 -6.07 4.30 12.18
CA VAL A 22 -6.98 5.32 11.71
C VAL A 22 -6.72 6.61 12.46
N ARG A 23 -6.16 6.50 13.67
CA ARG A 23 -5.88 7.66 14.49
C ARG A 23 -4.62 8.36 13.97
N VAL A 24 -3.57 7.57 13.68
CA VAL A 24 -2.33 8.11 13.19
C VAL A 24 -2.55 8.71 11.80
N CYS A 25 -3.56 8.23 11.08
CA CYS A 25 -3.87 8.71 9.76
C CYS A 25 -4.41 10.13 9.84
N GLU A 26 -5.45 10.34 10.65
CA GLU A 26 -6.05 11.65 10.82
C GLU A 26 -4.96 12.68 11.09
N ASP A 27 -4.10 12.39 12.08
CA ASP A 27 -3.03 13.30 12.43
C ASP A 27 -2.29 13.74 11.18
N CYS A 28 -1.57 12.80 10.55
CA CYS A 28 -0.82 13.10 9.34
C CYS A 28 -1.69 13.89 8.38
N THR A 29 -2.91 13.42 8.15
CA THR A 29 -3.83 14.09 7.25
C THR A 29 -3.89 15.58 7.57
N ASN A 30 -3.59 15.92 8.83
CA ASN A 30 -3.60 17.31 9.26
C ASN A 30 -2.30 17.99 8.86
N ILE A 31 -1.19 17.25 8.95
CA ILE A 31 0.11 17.78 8.60
C ILE A 31 0.07 18.36 7.19
N PHE A 32 -0.39 17.54 6.23
CA PHE A 32 -0.47 17.96 4.85
C PHE A 32 -1.83 18.61 4.59
N ARG A 33 -2.80 18.32 5.46
CA ARG A 33 -4.14 18.88 5.33
C ARG A 33 -4.87 18.16 4.20
N LEU A 34 -4.12 17.71 3.20
CA LEU A 34 -4.70 17.01 2.06
C LEU A 34 -5.77 16.04 2.54
N PRO A 35 -6.97 16.17 2.00
CA PRO A 35 -8.11 15.34 2.33
C PRO A 35 -7.91 13.95 1.74
N GLY A 36 -7.23 13.88 0.59
CA GLY A 36 -6.98 12.61 -0.06
C GLY A 36 -5.70 11.98 0.47
N LEU A 37 -5.63 11.79 1.79
CA LEU A 37 -4.47 11.19 2.42
C LEU A 37 -4.91 10.23 3.51
N ASP A 38 -5.78 10.71 4.41
CA ASP A 38 -6.27 9.88 5.50
C ASP A 38 -6.61 8.49 4.98
N GLY A 39 -7.51 8.41 4.00
CA GLY A 39 -7.91 7.14 3.43
C GLY A 39 -6.68 6.27 3.18
N MET A 40 -5.85 6.68 2.22
CA MET A 40 -4.66 5.94 1.88
C MET A 40 -4.00 5.39 3.15
N CYS A 41 -3.65 6.30 4.07
CA CYS A 41 -3.02 5.92 5.32
C CYS A 41 -3.68 4.67 5.87
N ARG A 42 -5.00 4.56 5.69
CA ARG A 42 -5.75 3.42 6.16
C ARG A 42 -6.72 2.94 5.08
N ASN A 43 -6.23 2.85 3.84
CA ASN A 43 -7.03 2.41 2.73
C ASN A 43 -6.95 0.90 2.58
N ARG A 44 -6.07 0.44 1.69
CA ARG A 44 -5.88 -0.97 1.46
C ARG A 44 -5.41 -1.65 2.74
N CYS A 45 -6.32 -1.84 3.69
CA CYS A 45 -6.00 -2.47 4.95
C CYS A 45 -4.68 -1.93 5.47
N PHE A 46 -4.53 -0.61 5.49
CA PHE A 46 -3.32 0.02 5.96
C PHE A 46 -2.11 -0.69 5.38
N TYR A 47 -2.28 -1.31 4.21
CA TYR A 47 -1.20 -2.03 3.56
C TYR A 47 -0.79 -1.30 2.29
N ASN A 48 0.09 -0.31 2.42
CA ASN A 48 0.56 0.45 1.28
C ASN A 48 1.63 1.44 1.73
N GLU A 49 2.33 1.11 2.81
CA GLU A 49 3.39 1.96 3.34
C GLU A 49 2.80 3.31 3.75
N TRP A 50 1.61 3.62 3.24
CA TRP A 50 0.94 4.87 3.57
C TRP A 50 0.98 5.09 5.08
N PHE A 51 1.34 4.05 5.83
CA PHE A 51 1.40 4.15 7.27
C PHE A 51 2.69 4.84 7.68
N LEU A 52 3.72 4.74 6.84
CA LEU A 52 5.00 5.35 7.13
C LEU A 52 4.96 6.83 6.76
N ILE A 53 4.16 7.17 5.74
CA ILE A 53 4.04 8.54 5.30
C ILE A 53 3.41 9.38 6.39
N CYS A 54 2.39 8.84 7.06
CA CYS A 54 1.71 9.54 8.13
C CYS A 54 2.59 9.55 9.37
N LEU A 55 3.05 8.38 9.79
CA LEU A 55 3.90 8.25 10.96
C LEU A 55 5.09 9.21 10.84
N LYS A 56 5.39 9.62 9.61
CA LYS A 56 6.50 10.53 9.36
C LYS A 56 6.09 11.95 9.72
N ALA A 57 4.94 12.39 9.23
CA ALA A 57 4.44 13.72 9.50
C ALA A 57 4.31 13.93 11.00
N ALA A 58 4.50 12.86 11.77
CA ALA A 58 4.40 12.93 13.21
C ALA A 58 5.76 12.60 13.84
N ASN A 59 6.76 12.36 13.00
CA ASN A 59 8.09 12.05 13.46
C ASN A 59 8.15 10.60 13.93
N ARG A 60 6.98 10.00 14.18
CA ARG A 60 6.90 8.63 14.63
C ARG A 60 7.47 7.71 13.57
N GLU A 61 8.31 8.26 12.69
CA GLU A 61 8.91 7.47 11.63
C GLU A 61 9.88 6.45 12.23
N ASP A 62 9.40 5.71 13.22
CA ASP A 62 10.22 4.69 13.88
C ASP A 62 9.34 3.58 14.39
N GLU A 63 8.06 3.88 14.62
CA GLU A 63 7.12 2.89 15.11
C GLU A 63 6.45 2.18 13.94
N ILE A 64 7.05 2.29 12.75
CA ILE A 64 6.52 1.66 11.56
C ILE A 64 6.80 0.16 11.61
N GLU A 65 8.02 -0.21 12.00
CA GLU A 65 8.39 -1.60 12.08
C GLU A 65 7.31 -2.40 12.80
N LYS A 66 6.98 -2.00 14.02
CA LYS A 66 5.96 -2.67 14.80
C LYS A 66 4.61 -2.50 14.13
N PHE A 67 4.34 -1.29 13.64
CA PHE A 67 3.08 -1.01 12.97
C PHE A 67 2.92 -1.90 11.76
N ARG A 68 4.04 -2.28 11.14
CA ARG A 68 4.02 -3.12 9.97
C ARG A 68 3.42 -4.48 10.32
N VAL A 69 4.02 -5.15 11.31
CA VAL A 69 3.55 -6.45 11.74
C VAL A 69 2.08 -6.37 12.13
N TRP A 70 1.65 -5.19 12.59
CA TRP A 70 0.27 -4.98 12.98
C TRP A 70 -0.64 -5.02 11.77
N ILE A 71 -0.28 -4.24 10.74
CA ILE A 71 -1.06 -4.19 9.51
C ILE A 71 -1.20 -5.59 8.93
N SER A 72 -0.26 -6.48 9.27
CA SER A 72 -0.28 -7.84 8.79
C SER A 72 -1.29 -8.65 9.58
N ILE A 73 -1.42 -8.35 10.87
CA ILE A 73 -2.34 -9.05 11.74
C ILE A 73 -3.77 -8.88 11.22
N LEU A 74 -4.06 -7.70 10.66
CA LEU A 74 -5.37 -7.41 10.13
C LEU A 74 -5.61 -8.22 8.86
N ASN A 75 -4.57 -8.93 8.41
CA ASN A 75 -4.67 -9.75 7.22
C ASN A 75 -4.73 -11.22 7.59
N ALA A 76 -5.12 -11.50 8.84
CA ALA A 76 -5.22 -12.86 9.32
C ALA A 76 -5.93 -13.72 8.29
N GLY A 77 -6.61 -13.08 7.33
CA GLY A 77 -7.32 -13.80 6.29
C GLY A 77 -7.00 -13.20 4.93
N GLN A 78 -5.77 -12.71 4.77
CA GLN A 78 -5.34 -12.12 3.52
C GLN A 78 -4.00 -12.72 3.11
N ALA A 1 0.05 -3.65 -5.62
CA ALA A 1 -0.63 -3.09 -4.48
C ALA A 1 -1.47 -4.15 -3.79
N SER A 2 -1.83 -3.91 -2.53
CA SER A 2 -2.63 -4.85 -1.77
C SER A 2 -4.10 -4.72 -2.16
N PHE A 3 -4.34 -4.30 -3.42
CA PHE A 3 -5.70 -4.14 -3.91
C PHE A 3 -6.45 -3.15 -3.03
N ILE A 4 -5.75 -2.13 -2.53
CA ILE A 4 -6.36 -1.13 -1.69
C ILE A 4 -6.39 0.21 -2.42
N ASP A 5 -5.89 1.25 -1.76
CA ASP A 5 -5.86 2.58 -2.35
C ASP A 5 -5.56 3.62 -1.27
N ASN A 6 -4.57 4.48 -1.52
CA ASN A 6 -4.19 5.50 -0.57
C ASN A 6 -4.19 4.94 0.84
N THR A 7 -4.05 3.61 0.94
CA THR A 7 -4.02 2.95 2.23
C THR A 7 -2.73 3.28 2.96
N CYS A 8 -2.48 4.58 3.17
CA CYS A 8 -1.29 5.01 3.85
C CYS A 8 -1.32 4.56 5.31
N ARG A 9 -0.56 5.25 6.17
CA ARG A 9 -0.50 4.91 7.58
C ARG A 9 0.24 5.99 8.34
N GLY A 10 1.15 6.68 7.65
CA GLY A 10 1.92 7.74 8.27
C GLY A 10 1.63 9.08 7.61
N VAL A 11 0.44 9.19 7.00
CA VAL A 11 0.04 10.40 6.33
C VAL A 11 -0.22 11.49 7.35
N MET A 12 -0.99 11.17 8.40
CA MET A 12 -1.30 12.13 9.44
C MET A 12 -0.03 12.52 10.19
N GLY A 13 1.00 11.69 10.09
CA GLY A 13 2.27 11.96 10.75
C GLY A 13 3.18 12.76 9.83
N ASN A 14 2.89 12.73 8.52
CA ASN A 14 3.68 13.45 7.54
C ASN A 14 3.13 14.86 7.37
N ARG A 15 2.01 14.98 6.66
CA ARG A 15 1.38 16.26 6.42
C ARG A 15 2.34 17.15 5.63
N ASP A 16 3.31 16.54 4.95
CA ASP A 16 4.27 17.28 4.16
C ASP A 16 4.59 16.51 2.89
N ILE A 17 4.77 15.20 3.01
CA ILE A 17 5.09 14.36 1.86
C ILE A 17 3.88 14.31 0.93
N TYR A 18 2.70 14.61 1.45
CA TYR A 18 1.48 14.59 0.67
C TYR A 18 1.38 15.88 -0.13
N LYS A 19 1.61 17.01 0.52
CA LYS A 19 1.55 18.30 -0.14
C LYS A 19 2.36 18.28 -1.42
N LYS A 20 3.59 17.76 -1.34
CA LYS A 20 4.46 17.67 -2.49
C LYS A 20 3.93 16.65 -3.48
N VAL A 21 3.61 15.45 -2.97
CA VAL A 21 3.10 14.38 -3.79
C VAL A 21 1.91 14.88 -4.60
N VAL A 22 0.79 15.13 -3.92
CA VAL A 22 -0.42 15.61 -4.58
C VAL A 22 -0.05 16.72 -5.55
N ARG A 23 0.92 17.55 -5.18
CA ARG A 23 1.35 18.64 -6.03
C ARG A 23 2.10 18.11 -7.23
N VAL A 24 2.83 17.00 -7.04
CA VAL A 24 3.59 16.39 -8.11
C VAL A 24 2.64 15.79 -9.14
N CYS A 25 1.42 15.46 -8.71
CA CYS A 25 0.43 14.88 -9.60
C CYS A 25 -0.22 15.99 -10.41
N GLU A 26 -0.41 17.16 -9.80
CA GLU A 26 -1.02 18.29 -10.48
C GLU A 26 -0.22 18.65 -11.71
N ASP A 27 1.08 18.85 -11.56
CA ASP A 27 1.96 19.20 -12.66
C ASP A 27 1.97 18.07 -13.67
N CYS A 28 2.07 16.83 -13.19
CA CYS A 28 2.10 15.67 -14.06
C CYS A 28 0.79 15.57 -14.82
N THR A 29 -0.30 15.30 -14.11
CA THR A 29 -1.61 15.18 -14.72
C THR A 29 -1.80 16.28 -15.76
N ASN A 30 -1.10 17.41 -15.56
CA ASN A 30 -1.20 18.52 -16.47
C ASN A 30 -0.41 18.23 -17.75
N ILE A 31 0.78 17.64 -17.58
CA ILE A 31 1.64 17.30 -18.70
C ILE A 31 0.83 16.50 -19.73
N PHE A 32 0.15 15.45 -19.27
CA PHE A 32 -0.64 14.61 -20.15
C PHE A 32 -2.06 15.13 -20.21
N ARG A 33 -2.47 15.88 -19.18
CA ARG A 33 -3.81 16.43 -19.11
C ARG A 33 -4.83 15.31 -19.02
N LEU A 34 -4.41 14.18 -18.45
CA LEU A 34 -5.29 13.03 -18.30
C LEU A 34 -5.95 13.06 -16.93
N PRO A 35 -7.27 12.88 -16.90
CA PRO A 35 -8.07 12.88 -15.69
C PRO A 35 -7.80 11.60 -14.90
N GLY A 36 -7.52 10.51 -15.62
CA GLY A 36 -7.24 9.23 -14.98
C GLY A 36 -5.75 9.04 -14.79
N LEU A 37 -5.13 9.92 -14.00
CA LEU A 37 -3.70 9.85 -13.75
C LEU A 37 -3.39 10.39 -12.37
N ASP A 38 -4.03 11.51 -12.01
CA ASP A 38 -3.82 12.13 -10.72
C ASP A 38 -3.80 11.07 -9.64
N GLY A 39 -4.90 10.33 -9.48
CA GLY A 39 -5.00 9.29 -8.48
C GLY A 39 -3.74 8.44 -8.49
N MET A 40 -3.53 7.70 -9.58
CA MET A 40 -2.37 6.83 -9.71
C MET A 40 -1.14 7.55 -9.18
N CYS A 41 -0.84 8.73 -9.73
CA CYS A 41 0.31 9.51 -9.32
C CYS A 41 0.43 9.46 -7.80
N ARG A 42 -0.72 9.46 -7.10
CA ARG A 42 -0.74 9.42 -5.66
C ARG A 42 -1.77 8.41 -5.18
N ASN A 43 -1.79 7.23 -5.81
CA ASN A 43 -2.72 6.18 -5.45
C ASN A 43 -2.06 5.21 -4.49
N ARG A 44 -2.77 4.14 -4.14
CA ARG A 44 -2.25 3.14 -3.22
C ARG A 44 -1.21 3.77 -2.31
N CYS A 45 -1.52 4.95 -1.77
CA CYS A 45 -0.61 5.65 -0.88
C CYS A 45 0.67 5.99 -1.62
N PHE A 46 0.54 6.76 -2.71
CA PHE A 46 1.68 7.15 -3.51
C PHE A 46 2.59 5.95 -3.76
N TYR A 47 2.05 4.75 -3.54
CA TYR A 47 2.80 3.53 -3.73
C TYR A 47 2.37 2.86 -5.03
N ASN A 48 3.03 3.19 -6.13
CA ASN A 48 2.72 2.62 -7.42
C ASN A 48 3.65 3.17 -8.49
N GLU A 49 4.83 3.62 -8.06
CA GLU A 49 5.82 4.17 -8.98
C GLU A 49 5.22 5.37 -9.71
N TRP A 50 3.89 5.44 -9.76
CA TRP A 50 3.21 6.54 -10.42
C TRP A 50 3.80 7.87 -9.97
N PHE A 51 4.60 7.82 -8.90
CA PHE A 51 5.22 9.02 -8.36
C PHE A 51 6.41 9.42 -9.24
N LEU A 52 6.97 8.45 -9.96
CA LEU A 52 8.11 8.70 -10.82
C LEU A 52 7.62 9.12 -12.19
N ILE A 53 6.58 8.47 -12.69
CA ILE A 53 6.02 8.79 -13.99
C ILE A 53 5.69 10.27 -14.07
N CYS A 54 5.13 10.82 -12.98
CA CYS A 54 4.78 12.22 -12.93
C CYS A 54 6.03 13.06 -12.74
N LEU A 55 6.88 12.67 -11.79
CA LEU A 55 8.11 13.39 -11.51
C LEU A 55 8.89 13.59 -12.81
N LYS A 56 8.79 12.62 -13.71
CA LYS A 56 9.48 12.70 -14.99
C LYS A 56 8.88 13.80 -15.85
N ALA A 57 7.55 13.81 -15.95
CA ALA A 57 6.85 14.80 -16.74
C ALA A 57 7.25 16.20 -16.29
N ALA A 58 7.95 16.28 -15.15
CA ALA A 58 8.39 17.55 -14.61
C ALA A 58 9.90 17.68 -14.79
N ASN A 59 10.53 16.65 -15.35
CA ASN A 59 11.96 16.66 -15.57
C ASN A 59 12.69 16.35 -14.27
N ARG A 60 12.03 16.63 -13.14
CA ARG A 60 12.62 16.37 -11.84
C ARG A 60 13.31 15.01 -11.84
N GLU A 61 12.52 13.94 -11.74
CA GLU A 61 13.06 12.60 -11.74
C GLU A 61 14.37 12.57 -10.97
N ASP A 62 14.40 13.27 -9.83
CA ASP A 62 15.59 13.32 -9.00
C ASP A 62 15.20 13.20 -7.52
N GLU A 63 14.07 13.80 -7.16
CA GLU A 63 13.59 13.75 -5.79
C GLU A 63 12.87 12.43 -5.53
N ILE A 64 13.00 11.50 -6.47
CA ILE A 64 12.37 10.20 -6.34
C ILE A 64 13.00 9.43 -5.20
N GLU A 65 14.32 9.59 -5.02
CA GLU A 65 15.03 8.91 -3.96
C GLU A 65 14.39 9.23 -2.62
N LYS A 66 14.27 10.52 -2.31
CA LYS A 66 13.67 10.95 -1.06
C LYS A 66 12.18 10.68 -1.07
N PHE A 67 11.56 10.83 -2.25
CA PHE A 67 10.13 10.61 -2.40
C PHE A 67 9.80 9.15 -2.12
N ARG A 68 10.70 8.25 -2.53
CA ARG A 68 10.50 6.83 -2.33
C ARG A 68 10.46 6.52 -0.84
N VAL A 69 11.58 6.78 -0.15
CA VAL A 69 11.67 6.54 1.28
C VAL A 69 10.49 7.19 1.98
N TRP A 70 10.04 8.33 1.47
CA TRP A 70 8.92 9.05 2.06
C TRP A 70 7.67 8.18 2.01
N ILE A 71 7.29 7.75 0.80
CA ILE A 71 6.12 6.92 0.61
C ILE A 71 6.15 5.75 1.59
N SER A 72 7.37 5.35 2.00
CA SER A 72 7.53 4.25 2.93
C SER A 72 7.18 4.72 4.33
N ILE A 73 7.54 5.96 4.66
CA ILE A 73 7.25 6.51 5.97
C ILE A 73 5.76 6.47 6.25
N LEU A 74 4.95 6.67 5.21
CA LEU A 74 3.51 6.66 5.34
C LEU A 74 3.02 5.22 5.55
N ASN A 75 3.97 4.27 5.56
CA ASN A 75 3.63 2.87 5.74
C ASN A 75 4.19 2.38 7.07
N ALA A 76 4.41 3.31 8.01
CA ALA A 76 4.93 2.97 9.32
C ALA A 76 4.31 1.66 9.80
N GLY A 77 3.10 1.73 10.34
CA GLY A 77 2.41 0.56 10.84
C GLY A 77 1.76 -0.19 9.68
N GLN A 78 2.14 0.14 8.45
CA GLN A 78 1.60 -0.48 7.27
C GLN A 78 2.70 -1.20 6.51
N ALA A 1 0.05 -3.65 -5.62
CA ALA A 1 -0.63 -3.09 -4.48
C ALA A 1 0.34 -2.22 -3.68
N SER A 2 1.63 -2.56 -3.73
CA SER A 2 2.63 -1.82 -3.01
C SER A 2 2.42 -1.98 -1.51
N PHE A 3 3.40 -2.57 -0.82
CA PHE A 3 3.31 -2.77 0.61
C PHE A 3 4.69 -2.64 1.24
N ILE A 4 5.67 -2.17 0.45
CA ILE A 4 7.03 -2.00 0.93
C ILE A 4 7.35 -0.52 1.01
N ASP A 5 8.46 -0.11 0.38
CA ASP A 5 8.88 1.27 0.40
C ASP A 5 10.28 1.40 -0.19
N ASN A 6 10.46 2.27 -1.17
CA ASN A 6 11.75 2.48 -1.80
C ASN A 6 12.41 1.13 -2.06
N THR A 7 11.61 0.07 -2.13
CA THR A 7 12.12 -1.27 -2.38
C THR A 7 12.30 -1.49 -3.87
N CYS A 8 13.34 -0.87 -4.43
CA CYS A 8 13.63 -0.99 -5.85
C CYS A 8 14.62 -2.12 -6.07
N ARG A 9 15.58 -1.90 -6.98
CA ARG A 9 16.60 -2.89 -7.28
C ARG A 9 17.44 -2.42 -8.46
N GLY A 10 16.84 -1.66 -9.37
CA GLY A 10 17.55 -1.15 -10.53
C GLY A 10 17.87 0.32 -10.34
N VAL A 11 17.33 0.92 -9.28
CA VAL A 11 17.57 2.32 -8.99
C VAL A 11 19.05 2.63 -9.08
N MET A 12 19.88 1.58 -9.05
CA MET A 12 21.31 1.74 -9.13
C MET A 12 21.77 1.73 -10.59
N GLY A 13 21.02 1.01 -11.44
CA GLY A 13 21.33 0.92 -12.84
C GLY A 13 20.67 2.05 -13.62
N ASN A 14 19.37 2.26 -13.36
CA ASN A 14 18.62 3.30 -14.02
C ASN A 14 19.41 4.60 -14.01
N ARG A 15 19.62 5.17 -12.82
CA ARG A 15 20.36 6.40 -12.66
C ARG A 15 19.91 7.39 -13.73
N ASP A 16 18.73 7.17 -14.31
CA ASP A 16 18.21 8.04 -15.34
C ASP A 16 16.74 8.34 -15.06
N ILE A 17 16.02 7.36 -14.53
CA ILE A 17 14.61 7.51 -14.21
C ILE A 17 14.46 8.03 -12.79
N TYR A 18 15.56 8.01 -12.03
CA TYR A 18 15.54 8.47 -10.65
C TYR A 18 15.55 9.99 -10.62
N LYS A 19 16.18 10.61 -11.63
CA LYS A 19 16.25 12.05 -11.70
C LYS A 19 14.93 12.62 -12.19
N LYS A 20 14.39 12.03 -13.27
CA LYS A 20 13.13 12.48 -13.83
C LYS A 20 12.03 12.35 -12.79
N VAL A 21 11.96 11.19 -12.13
CA VAL A 21 10.96 10.95 -11.12
C VAL A 21 11.03 12.03 -10.04
N VAL A 22 12.08 11.98 -9.22
CA VAL A 22 12.26 12.95 -8.16
C VAL A 22 11.92 14.34 -8.67
N ARG A 23 12.03 14.54 -9.99
CA ARG A 23 11.74 15.82 -10.59
C ARG A 23 10.24 15.95 -10.82
N VAL A 24 9.61 14.87 -11.28
CA VAL A 24 8.18 14.88 -11.54
C VAL A 24 7.43 15.23 -10.26
N CYS A 25 7.83 14.61 -9.15
CA CYS A 25 7.20 14.86 -7.87
C CYS A 25 7.41 16.31 -7.47
N GLU A 26 8.65 16.77 -7.50
CA GLU A 26 8.98 18.13 -7.14
C GLU A 26 7.90 19.07 -7.65
N ASP A 27 7.53 18.93 -8.92
CA ASP A 27 6.51 19.76 -9.52
C ASP A 27 5.20 19.62 -8.75
N CYS A 28 4.68 18.40 -8.68
CA CYS A 28 3.45 18.13 -7.97
C CYS A 28 3.56 18.61 -6.54
N THR A 29 4.61 18.18 -5.84
CA THR A 29 4.82 18.58 -4.46
C THR A 29 4.52 20.06 -4.30
N ASN A 30 4.78 20.85 -5.35
CA ASN A 30 4.54 22.26 -5.32
C ASN A 30 3.05 22.54 -5.47
N ILE A 31 2.38 21.77 -6.33
CA ILE A 31 0.96 21.93 -6.56
C ILE A 31 0.20 21.79 -5.24
N PHE A 32 0.48 20.71 -4.51
CA PHE A 32 -0.18 20.48 -3.24
C PHE A 32 0.63 21.10 -2.12
N ARG A 33 1.91 21.33 -2.35
CA ARG A 33 2.79 21.93 -1.37
C ARG A 33 3.08 20.91 -0.27
N LEU A 34 2.13 20.01 -0.02
CA LEU A 34 2.28 19.00 1.00
C LEU A 34 3.69 18.43 0.97
N PRO A 35 4.39 18.51 2.11
CA PRO A 35 5.75 18.03 2.26
C PRO A 35 5.75 16.51 2.28
N GLY A 36 4.67 15.91 2.80
CA GLY A 36 4.56 14.47 2.87
C GLY A 36 4.05 13.91 1.55
N LEU A 37 4.86 14.07 0.49
CA LEU A 37 4.48 13.59 -0.82
C LEU A 37 5.73 13.13 -1.58
N ASP A 38 6.79 13.95 -1.51
CA ASP A 38 8.04 13.63 -2.18
C ASP A 38 8.35 12.14 -2.02
N GLY A 39 8.49 11.70 -0.77
CA GLY A 39 8.79 10.31 -0.48
C GLY A 39 7.86 9.40 -1.26
N MET A 40 6.56 9.50 -0.99
CA MET A 40 5.57 8.69 -1.66
C MET A 40 5.93 8.54 -3.13
N CYS A 41 5.99 9.66 -3.85
CA CYS A 41 6.33 9.65 -5.26
C CYS A 41 7.49 8.69 -5.50
N ARG A 42 8.56 8.82 -4.72
CA ARG A 42 9.71 7.96 -4.85
C ARG A 42 9.73 6.93 -3.73
N ASN A 43 8.55 6.43 -3.37
CA ASN A 43 8.43 5.45 -2.31
C ASN A 43 8.21 4.06 -2.91
N ARG A 44 8.11 3.05 -2.06
CA ARG A 44 7.90 1.68 -2.50
C ARG A 44 8.38 1.54 -3.94
N CYS A 45 9.62 1.96 -4.20
CA CYS A 45 10.20 1.87 -5.53
C CYS A 45 9.27 2.53 -6.54
N PHE A 46 8.99 3.82 -6.34
CA PHE A 46 8.11 4.56 -7.23
C PHE A 46 6.99 3.66 -7.71
N TYR A 47 6.57 2.71 -6.86
CA TYR A 47 5.51 1.79 -7.20
C TYR A 47 4.30 2.04 -6.31
N ASN A 48 3.53 3.09 -6.63
CA ASN A 48 2.36 3.43 -5.85
C ASN A 48 1.50 4.43 -6.61
N GLU A 49 1.55 4.36 -7.95
CA GLU A 49 0.78 5.26 -8.79
C GLU A 49 1.01 6.70 -8.36
N TRP A 50 1.79 6.88 -7.29
CA TRP A 50 2.09 8.21 -6.78
C TRP A 50 2.70 9.06 -7.89
N PHE A 51 3.14 8.41 -8.98
CA PHE A 51 3.73 9.11 -10.09
C PHE A 51 2.64 9.74 -10.94
N LEU A 52 1.43 9.17 -10.88
CA LEU A 52 0.31 9.68 -11.65
C LEU A 52 -0.28 10.89 -10.94
N ILE A 53 -0.30 10.86 -9.60
CA ILE A 53 -0.83 11.94 -8.82
C ILE A 53 -0.10 13.23 -9.14
N CYS A 54 1.24 13.14 -9.26
CA CYS A 54 2.06 14.29 -9.56
C CYS A 54 1.91 14.66 -11.03
N LEU A 55 2.09 13.68 -11.91
CA LEU A 55 1.99 13.90 -13.34
C LEU A 55 0.68 14.62 -13.64
N LYS A 56 -0.31 14.46 -12.78
CA LYS A 56 -1.60 15.09 -12.95
C LYS A 56 -1.51 16.57 -12.60
N ALA A 57 -0.91 16.87 -11.45
CA ALA A 57 -0.75 18.24 -11.00
C ALA A 57 0.05 19.03 -12.03
N ALA A 58 0.58 18.33 -13.04
CA ALA A 58 1.37 18.97 -14.07
C ALA A 58 0.59 18.96 -15.39
N ASN A 59 -0.67 18.56 -15.33
CA ASN A 59 -1.51 18.51 -16.51
C ASN A 59 -0.98 17.45 -17.47
N ARG A 60 0.30 17.09 -17.33
CA ARG A 60 0.91 16.10 -18.18
C ARG A 60 0.02 14.88 -18.29
N GLU A 61 -0.08 14.11 -17.20
CA GLU A 61 -0.90 12.91 -17.18
C GLU A 61 -0.93 12.28 -18.56
N ASP A 62 0.21 12.31 -19.25
CA ASP A 62 0.31 11.74 -20.58
C ASP A 62 1.50 10.79 -20.63
N GLU A 63 2.60 11.17 -19.99
CA GLU A 63 3.80 10.35 -19.97
C GLU A 63 3.75 9.38 -18.79
N ILE A 64 2.56 8.85 -18.52
CA ILE A 64 2.38 7.91 -17.42
C ILE A 64 2.81 6.51 -17.86
N GLU A 65 2.39 6.11 -19.06
CA GLU A 65 2.73 4.81 -19.59
C GLU A 65 4.24 4.67 -19.72
N LYS A 66 4.88 5.68 -20.33
CA LYS A 66 6.31 5.67 -20.51
C LYS A 66 7.01 5.52 -19.16
N PHE A 67 6.59 6.34 -18.19
CA PHE A 67 7.18 6.30 -16.86
C PHE A 67 6.77 5.00 -16.16
N ARG A 68 5.62 4.44 -16.55
CA ARG A 68 5.14 3.21 -15.96
C ARG A 68 6.20 2.14 -16.07
N VAL A 69 6.62 1.84 -17.31
CA VAL A 69 7.63 0.82 -17.55
C VAL A 69 8.90 1.17 -16.78
N TRP A 70 9.34 2.42 -16.91
CA TRP A 70 10.54 2.87 -16.23
C TRP A 70 10.50 2.44 -14.77
N ILE A 71 9.47 2.86 -14.04
CA ILE A 71 9.32 2.52 -12.64
C ILE A 71 9.50 1.03 -12.46
N SER A 72 9.13 0.25 -13.48
CA SER A 72 9.25 -1.19 -13.42
C SER A 72 10.70 -1.60 -13.63
N ILE A 73 11.46 -0.74 -14.33
CA ILE A 73 12.86 -1.01 -14.60
C ILE A 73 13.67 -0.90 -13.32
N LEU A 74 13.20 -0.07 -12.38
CA LEU A 74 13.87 0.11 -11.12
C LEU A 74 13.70 -1.13 -10.25
N ASN A 75 12.73 -1.98 -10.61
CA ASN A 75 12.47 -3.20 -9.86
C ASN A 75 13.50 -4.26 -10.23
N ALA A 76 14.11 -4.12 -11.42
CA ALA A 76 15.10 -5.06 -11.88
C ALA A 76 14.76 -6.46 -11.38
N GLY A 77 13.46 -6.76 -11.30
CA GLY A 77 13.02 -8.06 -10.82
C GLY A 77 13.31 -8.22 -9.34
N GLN A 78 14.31 -7.48 -8.85
CA GLN A 78 14.68 -7.54 -7.45
C GLN A 78 14.44 -8.95 -6.91
N ALA A 1 0.05 -3.65 -5.62
CA ALA A 1 -0.63 -3.09 -4.48
C ALA A 1 0.14 -1.88 -3.96
N SER A 2 1.47 -1.92 -4.09
CA SER A 2 2.32 -0.84 -3.63
C SER A 2 2.30 0.30 -4.66
N PHE A 3 3.14 1.30 -4.44
CA PHE A 3 3.22 2.44 -5.34
C PHE A 3 4.64 2.59 -5.87
N ILE A 4 5.45 1.53 -5.71
CA ILE A 4 6.82 1.54 -6.16
C ILE A 4 6.93 0.82 -7.49
N ASP A 5 7.82 -0.17 -7.57
CA ASP A 5 8.01 -0.93 -8.79
C ASP A 5 9.30 -1.75 -8.69
N ASN A 6 9.23 -3.04 -9.03
CA ASN A 6 10.39 -3.90 -8.97
C ASN A 6 11.08 -3.76 -7.63
N THR A 7 10.31 -3.41 -6.59
CA THR A 7 10.86 -3.25 -5.26
C THR A 7 11.41 -4.57 -4.76
N CYS A 8 11.71 -5.48 -5.69
CA CYS A 8 12.24 -6.78 -5.33
C CYS A 8 13.55 -6.62 -4.58
N ARG A 9 13.67 -7.28 -3.43
CA ARG A 9 14.87 -7.20 -2.62
C ARG A 9 15.43 -8.60 -2.38
N GLY A 10 15.01 -9.55 -3.21
CA GLY A 10 15.47 -10.92 -3.08
C GLY A 10 15.72 -11.53 -4.46
N VAL A 11 15.17 -10.89 -5.49
CA VAL A 11 15.34 -11.36 -6.85
C VAL A 11 16.77 -11.83 -7.07
N MET A 12 17.73 -11.01 -6.66
CA MET A 12 19.14 -11.35 -6.81
C MET A 12 19.36 -12.81 -6.45
N GLY A 13 18.45 -13.37 -5.64
CA GLY A 13 18.55 -14.75 -5.23
C GLY A 13 17.81 -15.65 -6.21
N ASN A 14 16.52 -15.38 -6.41
CA ASN A 14 15.71 -16.16 -7.31
C ASN A 14 16.47 -16.43 -8.60
N ARG A 15 16.89 -15.36 -9.28
CA ARG A 15 17.63 -15.48 -10.53
C ARG A 15 16.99 -16.56 -11.40
N ASP A 16 15.74 -16.89 -11.11
CA ASP A 16 15.03 -17.91 -11.86
C ASP A 16 13.60 -17.46 -12.12
N ILE A 17 12.90 -17.06 -11.06
CA ILE A 17 11.54 -16.60 -11.16
C ILE A 17 11.47 -15.37 -12.06
N TYR A 18 12.48 -14.51 -11.97
CA TYR A 18 12.53 -13.30 -12.77
C TYR A 18 12.45 -13.66 -14.25
N LYS A 19 13.45 -14.40 -14.73
CA LYS A 19 13.50 -14.81 -16.12
C LYS A 19 12.13 -15.34 -16.55
N LYS A 20 11.64 -16.37 -15.84
CA LYS A 20 10.36 -16.96 -16.15
C LYS A 20 9.28 -15.90 -16.14
N VAL A 21 9.10 -15.24 -14.99
CA VAL A 21 8.10 -14.19 -14.85
C VAL A 21 8.07 -13.35 -16.11
N VAL A 22 9.09 -12.51 -16.30
CA VAL A 22 9.17 -11.64 -17.46
C VAL A 22 8.79 -12.42 -18.71
N ARG A 23 9.04 -13.74 -18.70
CA ARG A 23 8.72 -14.60 -19.82
C ARG A 23 7.22 -14.87 -19.86
N VAL A 24 6.61 -14.98 -18.67
CA VAL A 24 5.19 -15.24 -18.57
C VAL A 24 4.40 -14.01 -19.00
N CYS A 25 4.93 -12.83 -18.70
CA CYS A 25 4.28 -11.59 -19.05
C CYS A 25 4.32 -11.39 -20.56
N GLU A 26 5.45 -11.77 -21.17
CA GLU A 26 5.62 -11.63 -22.61
C GLU A 26 4.52 -12.41 -23.33
N ASP A 27 4.41 -13.72 -23.04
CA ASP A 27 3.41 -14.55 -23.66
C ASP A 27 2.05 -13.91 -23.54
N CYS A 28 1.74 -13.37 -22.35
CA CYS A 28 0.47 -12.73 -22.10
C CYS A 28 0.35 -11.48 -22.97
N THR A 29 1.38 -10.65 -22.96
CA THR A 29 1.38 -9.43 -23.74
C THR A 29 0.90 -9.72 -25.15
N ASN A 30 1.14 -10.94 -25.63
CA ASN A 30 0.73 -11.34 -26.96
C ASN A 30 -0.77 -11.62 -26.97
N ILE A 31 -1.24 -12.37 -25.98
CA ILE A 31 -2.65 -12.71 -25.89
C ILE A 31 -3.49 -11.48 -26.15
N PHE A 32 -3.25 -10.40 -25.40
CA PHE A 32 -3.99 -9.16 -25.58
C PHE A 32 -3.28 -8.28 -26.58
N ARG A 33 -1.99 -8.51 -26.79
CA ARG A 33 -1.20 -7.73 -27.73
C ARG A 33 -1.10 -6.30 -27.25
N LEU A 34 -1.18 -6.10 -25.94
CA LEU A 34 -1.10 -4.77 -25.35
C LEU A 34 0.32 -4.52 -24.87
N PRO A 35 0.91 -3.40 -25.31
CA PRO A 35 2.25 -2.99 -24.94
C PRO A 35 2.27 -2.52 -23.50
N GLY A 36 1.14 -1.97 -23.03
CA GLY A 36 1.04 -1.49 -21.67
C GLY A 36 0.53 -2.58 -20.75
N LEU A 37 1.28 -3.69 -20.67
CA LEU A 37 0.91 -4.80 -19.82
C LEU A 37 2.15 -5.46 -19.26
N ASP A 38 3.08 -5.85 -20.14
CA ASP A 38 4.32 -6.49 -19.73
C ASP A 38 4.84 -5.81 -18.47
N GLY A 39 5.19 -4.53 -18.59
CA GLY A 39 5.72 -3.78 -17.46
C GLY A 39 4.94 -4.10 -16.20
N MET A 40 3.70 -3.62 -16.12
CA MET A 40 2.85 -3.86 -14.98
C MET A 40 3.00 -5.30 -14.52
N CYS A 41 2.85 -6.24 -15.46
CA CYS A 41 2.96 -7.66 -15.16
C CYS A 41 4.16 -7.90 -14.26
N ARG A 42 5.19 -7.05 -14.39
CA ARG A 42 6.39 -7.18 -13.59
C ARG A 42 7.00 -5.80 -13.37
N ASN A 43 6.17 -4.83 -13.00
CA ASN A 43 6.65 -3.48 -12.75
C ASN A 43 6.92 -3.29 -11.27
N ARG A 44 6.20 -4.04 -10.42
CA ARG A 44 6.38 -3.95 -8.99
C ARG A 44 6.65 -5.33 -8.42
N CYS A 45 7.88 -5.81 -8.58
CA CYS A 45 8.26 -7.12 -8.07
C CYS A 45 7.14 -8.12 -8.34
N PHE A 46 6.64 -8.14 -9.57
CA PHE A 46 5.57 -9.04 -9.96
C PHE A 46 4.51 -9.07 -8.87
N TYR A 47 4.52 -8.06 -8.00
CA TYR A 47 3.56 -7.98 -6.92
C TYR A 47 2.43 -7.04 -7.30
N ASN A 48 1.43 -7.55 -8.03
CA ASN A 48 0.29 -6.75 -8.44
C ASN A 48 -0.77 -7.64 -9.08
N GLU A 49 -0.75 -8.94 -8.72
CA GLU A 49 -1.71 -9.88 -9.26
C GLU A 49 -1.60 -9.93 -10.77
N TRP A 50 -1.03 -8.88 -11.36
CA TRP A 50 -0.87 -8.81 -12.80
C TRP A 50 -0.28 -10.11 -13.32
N PHE A 51 0.31 -10.89 -12.42
CA PHE A 51 0.92 -12.17 -12.79
C PHE A 51 -0.15 -13.19 -13.06
N LEU A 52 -1.36 -12.95 -12.53
CA LEU A 52 -2.48 -13.86 -12.73
C LEU A 52 -3.25 -13.46 -13.97
N ILE A 53 -3.41 -12.15 -14.18
CA ILE A 53 -4.14 -11.64 -15.34
C ILE A 53 -3.52 -12.19 -16.61
N CYS A 54 -2.19 -12.28 -16.65
CA CYS A 54 -1.49 -12.80 -17.81
C CYS A 54 -1.57 -14.31 -17.83
N LEU A 55 -1.23 -14.95 -16.69
CA LEU A 55 -1.26 -16.39 -16.59
C LEU A 55 -2.65 -16.91 -16.96
N LYS A 56 -3.65 -16.05 -16.83
CA LYS A 56 -5.02 -16.43 -17.16
C LYS A 56 -5.20 -16.44 -18.67
N ALA A 57 -4.74 -15.38 -19.34
CA ALA A 57 -4.85 -15.27 -20.78
C ALA A 57 -4.14 -16.45 -21.45
N ALA A 58 -3.36 -17.20 -20.65
CA ALA A 58 -2.63 -18.34 -21.17
C ALA A 58 -3.32 -19.63 -20.73
N ASN A 59 -4.53 -19.51 -20.17
CA ASN A 59 -5.28 -20.66 -19.72
C ASN A 59 -4.58 -21.29 -18.53
N ARG A 60 -3.27 -21.09 -18.42
CA ARG A 60 -2.49 -21.63 -17.33
C ARG A 60 -3.26 -21.48 -16.02
N GLU A 61 -3.32 -20.24 -15.51
CA GLU A 61 -4.03 -19.97 -14.28
C GLU A 61 -4.07 -21.22 -13.41
N ASP A 62 -2.90 -21.84 -13.20
CA ASP A 62 -2.80 -23.04 -12.40
C ASP A 62 -1.51 -23.01 -11.58
N GLU A 63 -0.43 -22.54 -12.21
CA GLU A 63 0.86 -22.47 -11.54
C GLU A 63 1.01 -21.13 -10.84
N ILE A 64 -0.12 -20.58 -10.36
CA ILE A 64 -0.12 -19.30 -9.67
C ILE A 64 0.34 -19.50 -8.23
N GLU A 65 -0.39 -20.35 -7.49
CA GLU A 65 -0.06 -20.61 -6.09
C GLU A 65 1.45 -20.70 -5.93
N LYS A 66 2.09 -21.58 -6.70
CA LYS A 66 3.52 -21.75 -6.63
C LYS A 66 4.22 -20.46 -7.04
N PHE A 67 3.77 -19.86 -8.14
CA PHE A 67 4.35 -18.63 -8.63
C PHE A 67 4.20 -17.53 -7.57
N ARG A 68 3.19 -17.66 -6.72
CA ARG A 68 2.94 -16.70 -5.67
C ARG A 68 4.10 -16.68 -4.69
N VAL A 69 4.35 -17.83 -4.06
CA VAL A 69 5.43 -17.96 -3.10
C VAL A 69 6.73 -17.42 -3.70
N TRP A 70 6.88 -17.59 -5.02
CA TRP A 70 8.08 -17.12 -5.70
C TRP A 70 8.16 -15.61 -5.62
N ILE A 71 7.09 -14.93 -6.03
CA ILE A 71 7.05 -13.48 -5.98
C ILE A 71 7.44 -12.98 -4.61
N SER A 72 7.25 -13.83 -3.59
CA SER A 72 7.59 -13.47 -2.23
C SER A 72 9.09 -13.59 -2.02
N ILE A 73 9.71 -14.58 -2.68
CA ILE A 73 11.13 -14.80 -2.57
C ILE A 73 11.88 -13.57 -3.06
N LEU A 74 11.44 -13.01 -4.19
CA LEU A 74 12.08 -11.83 -4.76
C LEU A 74 11.99 -10.68 -3.77
N ASN A 75 11.17 -10.83 -2.72
CA ASN A 75 11.01 -9.81 -1.72
C ASN A 75 11.85 -10.14 -0.50
N ALA A 76 12.90 -10.95 -0.70
CA ALA A 76 13.78 -11.33 0.39
C ALA A 76 14.00 -10.15 1.32
N GLY A 77 14.79 -9.17 0.87
CA GLY A 77 15.08 -8.01 1.66
C GLY A 77 13.82 -7.53 2.37
N GLN A 78 12.70 -7.46 1.63
CA GLN A 78 11.45 -7.03 2.19
C GLN A 78 11.00 -7.98 3.29
#